data_6UK1
#
_entry.id   6UK1
#
_cell.length_a   95.063
_cell.length_b   60.132
_cell.length_c   105.160
_cell.angle_alpha   90.000
_cell.angle_beta   99.570
_cell.angle_gamma   90.000
#
_symmetry.space_group_name_H-M   'P 1 21 1'
#
loop_
_entity.id
_entity.type
_entity.pdbx_description
1 polymer 'Cystic fibrosis transmembrane conductance regulator'
2 non-polymer "ADENOSINE-5'-TRIPHOSPHATE"
3 non-polymer 'MAGNESIUM ION'
4 water water
#
_entity_poly.entity_id   1
_entity_poly.type   'polypeptide(L)'
_entity_poly.pdbx_seq_one_letter_code
;DIWPSGGQMTVKDLTAKYTEGGNAILENISFSISPGQRVGLLGRTGSGKSTLLLAFLRLLNTEGEIQIDGVSWDSITLEQ
WRKAFGVIPQDVFIFSGTFRKNLDPNEQWSDQEIWKVADEVGLRSVIEQFPGGLDFVLVDGGCVLSHGHKQLMCLARAVL
SKAKILLLDEPSAHLDPVTYQIIRRTLKQAFADCTVILCEARIEAMLECDQFLVIEENKVRQYDSIQKL
;
_entity_poly.pdbx_strand_id   A,B,C,D
#
# COMPACT_ATOMS: atom_id res chain seq x y z
N ASP A 1 -43.53 2.62 -6.98
CA ASP A 1 -43.82 1.61 -7.99
C ASP A 1 -42.94 1.82 -9.22
N ILE A 2 -41.67 1.39 -9.11
CA ILE A 2 -40.70 1.54 -10.20
C ILE A 2 -39.73 0.38 -10.12
N TRP A 3 -39.03 0.12 -11.23
CA TRP A 3 -38.03 -0.92 -11.29
C TRP A 3 -36.80 -0.40 -12.02
N PRO A 4 -35.59 -0.60 -11.47
CA PRO A 4 -35.36 -1.26 -10.17
C PRO A 4 -35.64 -0.32 -9.00
N SER A 5 -36.13 -0.87 -7.89
CA SER A 5 -36.60 -0.08 -6.76
C SER A 5 -35.58 0.04 -5.64
N GLY A 6 -35.00 -1.07 -5.20
CA GLY A 6 -34.12 -1.04 -4.04
C GLY A 6 -32.73 -1.60 -4.28
N GLY A 7 -32.59 -2.46 -5.28
CA GLY A 7 -31.31 -3.08 -5.56
C GLY A 7 -31.12 -4.44 -4.93
N GLN A 8 -32.18 -5.08 -4.45
CA GLN A 8 -32.06 -6.43 -3.92
C GLN A 8 -31.73 -7.39 -5.05
N MET A 9 -30.72 -8.23 -4.84
CA MET A 9 -30.24 -9.14 -5.87
C MET A 9 -30.20 -10.56 -5.31
N THR A 10 -30.67 -11.51 -6.12
CA THR A 10 -30.74 -12.92 -5.73
C THR A 10 -30.18 -13.77 -6.86
N VAL A 11 -29.07 -14.45 -6.60
CA VAL A 11 -28.40 -15.30 -7.58
C VAL A 11 -28.57 -16.74 -7.14
N LYS A 12 -28.93 -17.62 -8.08
CA LYS A 12 -29.21 -19.02 -7.78
C LYS A 12 -28.65 -19.88 -8.89
N ASP A 13 -27.65 -20.72 -8.55
CA ASP A 13 -27.07 -21.71 -9.47
C ASP A 13 -26.61 -21.05 -10.77
N LEU A 14 -25.78 -20.02 -10.64
CA LEU A 14 -25.28 -19.28 -11.78
C LEU A 14 -24.00 -19.94 -12.31
N THR A 15 -23.98 -20.25 -13.60
CA THR A 15 -22.82 -20.82 -14.26
C THR A 15 -22.50 -19.99 -15.50
N ALA A 16 -21.26 -19.54 -15.61
CA ALA A 16 -20.83 -18.65 -16.69
C ALA A 16 -19.74 -19.31 -17.51
N LYS A 17 -19.77 -19.06 -18.82
CA LYS A 17 -18.73 -19.55 -19.73
C LYS A 17 -18.69 -18.62 -20.94
N TYR A 18 -17.52 -18.55 -21.57
CA TYR A 18 -17.31 -17.58 -22.65
C TYR A 18 -17.71 -18.11 -24.02
N THR A 19 -17.73 -19.42 -24.22
CA THR A 19 -18.18 -20.01 -25.49
C THR A 19 -19.11 -21.17 -25.19
N GLU A 20 -19.82 -21.61 -26.24
CA GLU A 20 -20.73 -22.74 -26.11
C GLU A 20 -19.94 -24.01 -25.85
N GLY A 21 -20.22 -24.66 -24.72
CA GLY A 21 -19.50 -25.86 -24.35
C GLY A 21 -18.08 -25.64 -23.85
N GLY A 22 -17.72 -24.40 -23.53
CA GLY A 22 -16.39 -24.10 -23.03
C GLY A 22 -16.24 -24.43 -21.57
N ASN A 23 -15.12 -23.98 -21.01
CA ASN A 23 -14.82 -24.23 -19.60
C ASN A 23 -15.69 -23.34 -18.71
N ALA A 24 -16.28 -23.93 -17.68
CA ALA A 24 -17.13 -23.20 -16.74
C ALA A 24 -16.24 -22.44 -15.77
N ILE A 25 -16.13 -21.13 -15.97
CA ILE A 25 -15.31 -20.31 -15.08
C ILE A 25 -15.93 -20.27 -13.68
N LEU A 26 -17.23 -20.07 -13.60
CA LEU A 26 -17.98 -20.15 -12.36
C LEU A 26 -19.07 -21.21 -12.51
N GLU A 27 -19.27 -22.01 -11.47
CA GLU A 27 -20.18 -23.15 -11.54
C GLU A 27 -21.10 -23.13 -10.33
N ASN A 28 -22.42 -23.05 -10.59
CA ASN A 28 -23.45 -23.14 -9.56
C ASN A 28 -23.22 -22.10 -8.45
N ILE A 29 -23.17 -20.84 -8.86
CA ILE A 29 -22.96 -19.74 -7.93
C ILE A 29 -24.31 -19.26 -7.41
N SER A 30 -24.43 -19.13 -6.10
CA SER A 30 -25.68 -18.72 -5.48
C SER A 30 -25.41 -17.84 -4.27
N PHE A 31 -26.07 -16.68 -4.22
CA PHE A 31 -25.99 -15.78 -3.08
C PHE A 31 -27.15 -14.79 -3.18
N SER A 32 -27.22 -13.90 -2.19
CA SER A 32 -28.29 -12.91 -2.14
C SER A 32 -27.77 -11.64 -1.49
N ILE A 33 -28.33 -10.50 -1.91
CA ILE A 33 -27.87 -9.19 -1.48
C ILE A 33 -29.07 -8.35 -1.06
N SER A 34 -28.94 -7.65 0.07
CA SER A 34 -29.94 -6.74 0.58
C SER A 34 -29.91 -5.42 -0.20
N PRO A 35 -31.05 -4.74 -0.31
CA PRO A 35 -31.07 -3.47 -1.03
C PRO A 35 -30.10 -2.45 -0.43
N GLY A 36 -29.37 -1.76 -1.31
CA GLY A 36 -28.48 -0.70 -0.88
C GLY A 36 -27.26 -1.15 -0.12
N GLN A 37 -26.92 -2.44 -0.19
CA GLN A 37 -25.82 -2.99 0.59
C GLN A 37 -24.51 -2.86 -0.18
N ARG A 38 -23.44 -2.52 0.54
CA ARG A 38 -22.11 -2.43 -0.04
C ARG A 38 -21.45 -3.81 0.03
N VAL A 39 -21.32 -4.45 -1.13
CA VAL A 39 -20.84 -5.83 -1.22
C VAL A 39 -19.41 -5.81 -1.76
N GLY A 40 -18.52 -6.53 -1.09
CA GLY A 40 -17.16 -6.68 -1.56
C GLY A 40 -16.88 -8.04 -2.14
N LEU A 41 -16.54 -8.09 -3.43
CA LEU A 41 -16.23 -9.34 -4.12
C LEU A 41 -14.71 -9.49 -4.15
N LEU A 42 -14.18 -10.40 -3.33
CA LEU A 42 -12.75 -10.60 -3.20
C LEU A 42 -12.33 -11.83 -4.01
N GLY A 43 -11.18 -11.72 -4.67
CA GLY A 43 -10.64 -12.83 -5.43
C GLY A 43 -9.28 -12.53 -6.02
N ARG A 44 -8.37 -13.51 -5.98
CA ARG A 44 -7.04 -13.36 -6.57
C ARG A 44 -7.16 -13.19 -8.08
N THR A 45 -6.03 -12.99 -8.76
CA THR A 45 -6.06 -12.84 -10.21
C THR A 45 -6.51 -14.14 -10.87
N GLY A 46 -7.20 -14.00 -12.00
CA GLY A 46 -7.71 -15.15 -12.72
C GLY A 46 -8.77 -15.95 -11.99
N SER A 47 -9.30 -15.44 -10.87
CA SER A 47 -10.32 -16.17 -10.13
C SER A 47 -11.70 -16.06 -10.75
N GLY A 48 -11.97 -14.96 -11.44
CA GLY A 48 -13.24 -14.79 -12.12
C GLY A 48 -14.05 -13.60 -11.65
N LYS A 49 -13.36 -12.58 -11.13
CA LYS A 49 -14.06 -11.38 -10.66
C LYS A 49 -14.74 -10.66 -11.81
N SER A 50 -13.99 -10.40 -12.90
CA SER A 50 -14.57 -9.73 -14.05
C SER A 50 -15.62 -10.61 -14.74
N THR A 51 -15.45 -11.94 -14.68
CA THR A 51 -16.40 -12.83 -15.32
C THR A 51 -17.76 -12.76 -14.66
N LEU A 52 -17.79 -12.57 -13.34
CA LEU A 52 -19.06 -12.47 -12.63
C LEU A 52 -19.82 -11.20 -13.00
N LEU A 53 -19.09 -10.10 -13.22
CA LEU A 53 -19.74 -8.87 -13.65
C LEU A 53 -20.26 -9.00 -15.08
N LEU A 54 -19.50 -9.69 -15.94
CA LEU A 54 -19.98 -9.95 -17.30
C LEU A 54 -21.18 -10.88 -17.30
N ALA A 55 -21.25 -11.81 -16.34
CA ALA A 55 -22.40 -12.70 -16.26
C ALA A 55 -23.64 -11.97 -15.78
N PHE A 56 -23.48 -10.97 -14.90
CA PHE A 56 -24.61 -10.16 -14.48
C PHE A 56 -25.24 -9.44 -15.67
N LEU A 57 -24.43 -9.00 -16.61
CA LEU A 57 -24.88 -8.21 -17.74
C LEU A 57 -25.28 -9.06 -18.94
N ARG A 58 -25.35 -10.38 -18.77
CA ARG A 58 -25.73 -11.29 -19.86
C ARG A 58 -24.83 -11.10 -21.08
N LEU A 59 -23.56 -10.84 -20.84
CA LEU A 59 -22.57 -10.71 -21.90
C LEU A 59 -21.81 -12.00 -22.17
N LEU A 60 -22.16 -13.08 -21.48
CA LEU A 60 -21.56 -14.40 -21.67
C LEU A 60 -22.68 -15.43 -21.79
N ASN A 61 -22.28 -16.70 -21.93
CA ASN A 61 -23.23 -17.82 -21.95
C ASN A 61 -23.51 -18.22 -20.51
N THR A 62 -24.66 -17.80 -19.99
CA THR A 62 -25.01 -17.98 -18.59
C THR A 62 -26.23 -18.89 -18.47
N GLU A 63 -26.15 -19.85 -17.56
CA GLU A 63 -27.30 -20.63 -17.14
C GLU A 63 -27.52 -20.43 -15.65
N GLY A 64 -28.76 -20.57 -15.22
CA GLY A 64 -29.17 -20.22 -13.87
C GLY A 64 -30.12 -19.03 -13.88
N GLU A 65 -30.48 -18.61 -12.67
CA GLU A 65 -31.45 -17.53 -12.49
C GLU A 65 -30.87 -16.42 -11.64
N ILE A 66 -30.97 -15.19 -12.15
CA ILE A 66 -30.70 -13.97 -11.39
C ILE A 66 -31.97 -13.14 -11.43
N GLN A 67 -32.31 -12.54 -10.28
CA GLN A 67 -33.47 -11.66 -10.21
C GLN A 67 -33.12 -10.43 -9.39
N ILE A 68 -33.75 -9.31 -9.74
CA ILE A 68 -33.53 -8.03 -9.07
C ILE A 68 -34.87 -7.48 -8.64
N ASP A 69 -35.04 -7.31 -7.33
CA ASP A 69 -36.30 -6.84 -6.74
C ASP A 69 -37.47 -7.72 -7.15
N GLY A 70 -37.22 -9.03 -7.21
CA GLY A 70 -38.22 -10.00 -7.58
C GLY A 70 -38.36 -10.26 -9.06
N VAL A 71 -37.85 -9.36 -9.91
CA VAL A 71 -37.99 -9.49 -11.35
C VAL A 71 -36.84 -10.34 -11.88
N SER A 72 -37.18 -11.50 -12.46
CA SER A 72 -36.16 -12.35 -13.06
C SER A 72 -35.67 -11.77 -14.38
N TRP A 73 -34.42 -12.10 -14.73
CA TRP A 73 -33.87 -11.63 -15.99
C TRP A 73 -34.48 -12.34 -17.19
N ASP A 74 -35.18 -13.45 -16.98
CA ASP A 74 -35.97 -14.09 -18.03
C ASP A 74 -37.35 -13.45 -18.18
N SER A 75 -37.61 -12.35 -17.48
CA SER A 75 -38.94 -11.75 -17.44
C SER A 75 -38.96 -10.33 -17.98
N ILE A 76 -37.85 -9.82 -18.51
CA ILE A 76 -37.78 -8.49 -19.11
C ILE A 76 -36.86 -8.54 -20.31
N THR A 77 -36.81 -7.42 -21.04
CA THR A 77 -35.93 -7.29 -22.19
C THR A 77 -34.48 -7.24 -21.75
N LEU A 78 -33.59 -7.69 -22.64
CA LEU A 78 -32.16 -7.64 -22.36
C LEU A 78 -31.68 -6.21 -22.13
N GLU A 79 -32.19 -5.27 -22.93
CA GLU A 79 -31.80 -3.87 -22.76
C GLU A 79 -32.34 -3.30 -21.46
N GLN A 80 -33.53 -3.72 -21.04
CA GLN A 80 -34.10 -3.22 -19.79
C GLN A 80 -33.40 -3.81 -18.57
N TRP A 81 -32.81 -4.99 -18.72
CA TRP A 81 -32.07 -5.59 -17.61
C TRP A 81 -30.76 -4.86 -17.34
N ARG A 82 -29.98 -4.64 -18.39
CA ARG A 82 -28.69 -3.97 -18.23
C ARG A 82 -28.84 -2.53 -17.78
N LYS A 83 -29.98 -1.90 -18.08
CA LYS A 83 -30.22 -0.52 -17.66
C LYS A 83 -30.28 -0.39 -16.14
N ALA A 84 -30.58 -1.48 -15.42
CA ALA A 84 -30.59 -1.44 -13.97
C ALA A 84 -29.19 -1.34 -13.38
N PHE A 85 -28.16 -1.63 -14.17
CA PHE A 85 -26.78 -1.65 -13.70
C PHE A 85 -26.02 -0.40 -14.13
N GLY A 86 -25.08 0.00 -13.27
CA GLY A 86 -24.07 0.98 -13.64
C GLY A 86 -22.70 0.31 -13.61
N VAL A 87 -21.98 0.43 -14.71
CA VAL A 87 -20.75 -0.34 -14.94
C VAL A 87 -19.58 0.63 -15.07
N ILE A 88 -18.63 0.53 -14.13
CA ILE A 88 -17.38 1.28 -14.18
C ILE A 88 -16.27 0.34 -13.71
N PRO A 89 -15.15 0.23 -14.44
CA PRO A 89 -14.88 0.89 -15.72
C PRO A 89 -15.47 0.14 -16.90
N GLN A 90 -15.47 0.78 -18.08
CA GLN A 90 -15.96 0.17 -19.29
C GLN A 90 -15.49 0.99 -20.47
N ASP A 91 -15.51 0.38 -21.66
CA ASP A 91 -15.27 1.09 -22.90
C ASP A 91 -16.50 1.96 -23.18
N VAL A 92 -16.41 3.23 -22.83
CA VAL A 92 -17.58 4.11 -22.86
C VAL A 92 -18.04 4.31 -24.29
N PHE A 93 -19.31 4.02 -24.54
CA PHE A 93 -19.94 4.23 -25.85
C PHE A 93 -20.64 5.57 -25.84
N ILE A 94 -20.06 6.55 -26.52
CA ILE A 94 -20.62 7.89 -26.61
C ILE A 94 -21.58 7.94 -27.79
N PHE A 95 -22.82 8.37 -27.53
CA PHE A 95 -23.80 8.50 -28.60
C PHE A 95 -23.35 9.55 -29.62
N SER A 96 -23.84 9.39 -30.85
CA SER A 96 -23.60 10.36 -31.91
C SER A 96 -24.64 11.48 -31.77
N GLY A 97 -24.45 12.28 -30.73
CA GLY A 97 -25.39 13.35 -30.45
C GLY A 97 -24.82 14.33 -29.44
N THR A 98 -25.73 15.14 -28.88
CA THR A 98 -25.33 16.19 -27.97
C THR A 98 -24.90 15.61 -26.62
N PHE A 99 -24.33 16.48 -25.78
CA PHE A 99 -24.07 16.11 -24.39
C PHE A 99 -25.36 15.73 -23.67
N ARG A 100 -26.45 16.42 -24.00
CA ARG A 100 -27.73 16.16 -23.34
C ARG A 100 -28.22 14.75 -23.62
N LYS A 101 -28.26 14.36 -24.90
CA LYS A 101 -28.71 13.02 -25.26
C LYS A 101 -27.77 11.96 -24.71
N ASN A 102 -26.47 12.24 -24.68
CA ASN A 102 -25.52 11.29 -24.11
C ASN A 102 -25.72 11.13 -22.60
N LEU A 103 -26.11 12.20 -21.91
CA LEU A 103 -26.39 12.13 -20.48
C LEU A 103 -27.82 11.69 -20.20
N ASP A 104 -28.78 12.17 -21.00
CA ASP A 104 -30.20 11.84 -20.84
C ASP A 104 -30.70 11.25 -22.15
N PRO A 105 -30.42 9.97 -22.43
CA PRO A 105 -30.89 9.38 -23.69
C PRO A 105 -32.39 9.28 -23.79
N ASN A 106 -33.10 9.09 -22.68
CA ASN A 106 -34.55 8.95 -22.69
C ASN A 106 -35.27 10.29 -22.58
N GLU A 107 -34.53 11.39 -22.42
CA GLU A 107 -35.10 12.73 -22.36
C GLU A 107 -36.15 12.84 -21.26
N GLN A 108 -35.78 12.40 -20.05
CA GLN A 108 -36.68 12.40 -18.91
C GLN A 108 -36.39 13.52 -17.92
N TRP A 109 -35.29 14.25 -18.10
CA TRP A 109 -34.90 15.31 -17.19
C TRP A 109 -34.77 16.63 -17.93
N SER A 110 -34.91 17.72 -17.18
CA SER A 110 -34.65 19.04 -17.72
C SER A 110 -33.15 19.34 -17.68
N ASP A 111 -32.76 20.42 -18.36
CA ASP A 111 -31.36 20.82 -18.36
C ASP A 111 -30.89 21.26 -16.98
N GLN A 112 -31.80 21.67 -16.09
CA GLN A 112 -31.41 21.99 -14.72
C GLN A 112 -31.12 20.72 -13.94
N GLU A 113 -31.93 19.68 -14.13
CA GLU A 113 -31.68 18.41 -13.46
C GLU A 113 -30.45 17.71 -14.02
N ILE A 114 -30.11 17.97 -15.28
CA ILE A 114 -28.92 17.38 -15.87
C ILE A 114 -27.66 18.10 -15.41
N TRP A 115 -27.70 19.45 -15.36
CA TRP A 115 -26.54 20.21 -14.97
C TRP A 115 -26.14 19.94 -13.51
N LYS A 116 -27.12 19.62 -12.66
CA LYS A 116 -26.79 19.35 -11.26
C LYS A 116 -26.09 18.01 -11.12
N VAL A 117 -26.54 16.99 -11.84
CA VAL A 117 -25.83 15.71 -11.84
C VAL A 117 -24.48 15.85 -12.50
N ALA A 118 -24.40 16.68 -13.55
CA ALA A 118 -23.11 16.91 -14.21
C ALA A 118 -22.14 17.63 -13.28
N ASP A 119 -22.65 18.46 -12.37
CA ASP A 119 -21.77 19.14 -11.43
C ASP A 119 -21.26 18.20 -10.36
N GLU A 120 -22.06 17.20 -9.98
CA GLU A 120 -21.64 16.27 -8.94
C GLU A 120 -20.51 15.36 -9.42
N VAL A 121 -20.57 14.93 -10.69
CA VAL A 121 -19.62 13.96 -11.22
C VAL A 121 -18.37 14.67 -11.71
N GLY A 122 -18.32 15.98 -11.48
CA GLY A 122 -17.17 16.78 -11.86
C GLY A 122 -17.06 17.11 -13.32
N LEU A 123 -18.16 17.04 -14.07
CA LEU A 123 -18.16 17.37 -15.49
C LEU A 123 -18.61 18.80 -15.77
N ARG A 124 -18.69 19.65 -14.74
CA ARG A 124 -19.11 21.03 -14.95
C ARG A 124 -18.09 21.78 -15.81
N SER A 125 -16.83 21.79 -15.40
CA SER A 125 -15.80 22.50 -16.16
C SER A 125 -15.52 21.86 -17.51
N VAL A 126 -15.87 20.59 -17.69
CA VAL A 126 -15.59 19.91 -18.95
C VAL A 126 -16.65 20.25 -20.00
N ILE A 127 -17.89 20.49 -19.59
CA ILE A 127 -18.93 20.82 -20.55
C ILE A 127 -18.97 22.32 -20.86
N GLU A 128 -18.65 23.17 -19.89
CA GLU A 128 -18.71 24.61 -20.09
C GLU A 128 -17.67 25.11 -21.09
N GLN A 129 -16.58 24.37 -21.29
CA GLN A 129 -15.53 24.79 -22.22
C GLN A 129 -15.90 24.56 -23.68
N PHE A 130 -17.10 24.03 -23.95
CA PHE A 130 -17.58 23.82 -25.31
C PHE A 130 -18.68 24.82 -25.64
N PRO A 131 -18.68 25.37 -26.86
CA PRO A 131 -19.72 26.33 -27.23
C PRO A 131 -21.09 25.66 -27.27
N GLY A 132 -22.04 26.23 -26.53
CA GLY A 132 -23.36 25.67 -26.41
C GLY A 132 -23.57 24.77 -25.21
N GLY A 133 -22.50 24.36 -24.54
CA GLY A 133 -22.62 23.53 -23.36
C GLY A 133 -23.18 22.15 -23.65
N LEU A 134 -24.42 21.90 -23.21
CA LEU A 134 -25.03 20.59 -23.40
C LEU A 134 -25.39 20.34 -24.86
N ASP A 135 -25.49 21.36 -25.69
CA ASP A 135 -25.88 21.21 -27.08
C ASP A 135 -24.71 20.89 -28.00
N PHE A 136 -23.50 20.80 -27.47
CA PHE A 136 -22.35 20.41 -28.27
C PHE A 136 -22.48 18.96 -28.69
N VAL A 137 -22.49 18.71 -29.99
CA VAL A 137 -22.68 17.36 -30.51
C VAL A 137 -21.37 16.60 -30.44
N LEU A 138 -21.41 15.40 -29.86
CA LEU A 138 -20.24 14.53 -29.77
C LEU A 138 -20.24 13.58 -30.96
N VAL A 139 -19.25 13.73 -31.83
CA VAL A 139 -19.10 12.90 -33.01
C VAL A 139 -17.77 12.15 -32.92
N ASP A 140 -17.61 11.15 -33.78
CA ASP A 140 -16.42 10.30 -33.81
C ASP A 140 -16.17 9.68 -32.44
N GLY A 141 -17.19 8.98 -31.94
CA GLY A 141 -17.14 8.48 -30.59
C GLY A 141 -17.21 9.67 -29.64
N GLY A 142 -16.21 9.80 -28.79
CA GLY A 142 -16.07 10.97 -27.93
C GLY A 142 -14.63 11.44 -27.90
N CYS A 143 -14.00 11.52 -29.08
CA CYS A 143 -12.57 11.81 -29.16
C CYS A 143 -12.19 13.14 -28.54
N VAL A 144 -13.13 14.10 -28.50
CA VAL A 144 -12.85 15.38 -27.84
C VAL A 144 -12.81 15.26 -26.32
N LEU A 145 -13.28 14.14 -25.77
CA LEU A 145 -13.34 13.94 -24.34
C LEU A 145 -12.27 12.94 -23.90
N SER A 146 -11.69 13.20 -22.73
CA SER A 146 -10.69 12.31 -22.17
C SER A 146 -11.31 10.95 -21.80
N HIS A 147 -10.44 9.98 -21.56
CA HIS A 147 -10.92 8.65 -21.16
C HIS A 147 -11.56 8.71 -19.77
N GLY A 148 -11.02 9.53 -18.88
CA GLY A 148 -11.60 9.66 -17.55
C GLY A 148 -12.92 10.41 -17.58
N HIS A 149 -13.05 11.41 -18.45
CA HIS A 149 -14.30 12.14 -18.57
C HIS A 149 -15.40 11.27 -19.18
N LYS A 150 -15.03 10.35 -20.07
CA LYS A 150 -16.02 9.41 -20.61
C LYS A 150 -16.63 8.56 -19.50
N GLN A 151 -15.81 8.17 -18.52
CA GLN A 151 -16.33 7.38 -17.41
C GLN A 151 -17.17 8.23 -16.47
N LEU A 152 -16.85 9.52 -16.35
CA LEU A 152 -17.72 10.42 -15.60
C LEU A 152 -19.07 10.59 -16.30
N MET A 153 -19.06 10.63 -17.64
CA MET A 153 -20.31 10.64 -18.39
C MET A 153 -21.08 9.34 -18.18
N CYS A 154 -20.36 8.21 -18.22
CA CYS A 154 -21.00 6.92 -17.92
C CYS A 154 -21.53 6.87 -16.50
N LEU A 155 -20.82 7.50 -15.57
CA LEU A 155 -21.31 7.59 -14.19
C LEU A 155 -22.55 8.49 -14.12
N ALA A 156 -22.48 9.67 -14.73
CA ALA A 156 -23.64 10.58 -14.73
C ALA A 156 -24.80 9.99 -15.51
N ARG A 157 -24.51 9.25 -16.58
CA ARG A 157 -25.58 8.58 -17.33
C ARG A 157 -26.28 7.55 -16.46
N ALA A 158 -25.54 6.86 -15.59
CA ALA A 158 -26.14 5.85 -14.73
C ALA A 158 -27.04 6.49 -13.68
N VAL A 159 -26.68 7.67 -13.18
CA VAL A 159 -27.52 8.34 -12.19
C VAL A 159 -28.84 8.77 -12.81
N LEU A 160 -28.80 9.32 -14.03
CA LEU A 160 -30.01 9.82 -14.67
C LEU A 160 -30.92 8.70 -15.15
N SER A 161 -30.39 7.49 -15.34
CA SER A 161 -31.22 6.33 -15.63
C SER A 161 -31.68 5.61 -14.38
N LYS A 162 -31.33 6.12 -13.20
CA LYS A 162 -31.73 5.57 -11.91
C LYS A 162 -31.42 4.08 -11.82
N ALA A 163 -30.12 3.77 -11.91
CA ALA A 163 -29.64 2.43 -11.69
C ALA A 163 -29.47 2.17 -10.19
N LYS A 164 -29.74 0.94 -9.78
CA LYS A 164 -29.74 0.59 -8.37
C LYS A 164 -28.62 -0.37 -7.97
N ILE A 165 -27.89 -0.93 -8.92
CA ILE A 165 -26.76 -1.81 -8.63
C ILE A 165 -25.56 -1.30 -9.40
N LEU A 166 -24.54 -0.85 -8.68
CA LEU A 166 -23.34 -0.29 -9.28
C LEU A 166 -22.21 -1.32 -9.22
N LEU A 167 -21.65 -1.65 -10.38
CA LEU A 167 -20.59 -2.64 -10.48
C LEU A 167 -19.26 -1.94 -10.66
N LEU A 168 -18.30 -2.25 -9.79
CA LEU A 168 -16.96 -1.65 -9.82
C LEU A 168 -15.93 -2.77 -9.90
N ASP A 169 -15.19 -2.80 -11.01
CA ASP A 169 -14.20 -3.85 -11.27
C ASP A 169 -12.81 -3.28 -11.01
N GLU A 170 -12.28 -3.58 -9.82
CA GLU A 170 -10.95 -3.12 -9.40
C GLU A 170 -10.74 -1.62 -9.62
N PRO A 171 -11.59 -0.76 -9.04
CA PRO A 171 -11.38 0.69 -9.23
C PRO A 171 -10.15 1.23 -8.55
N SER A 172 -9.64 0.56 -7.51
CA SER A 172 -8.43 1.04 -6.83
C SER A 172 -7.20 0.98 -7.71
N ALA A 173 -7.19 0.11 -8.72
CA ALA A 173 -6.05 -0.03 -9.60
C ALA A 173 -6.35 0.26 -11.07
N HIS A 174 -7.60 0.09 -11.50
CA HIS A 174 -7.97 0.25 -12.90
C HIS A 174 -8.74 1.54 -13.15
N LEU A 175 -8.64 2.50 -12.25
CA LEU A 175 -9.21 3.83 -12.45
C LEU A 175 -8.21 4.86 -11.94
N ASP A 176 -8.27 6.05 -12.52
CA ASP A 176 -7.50 7.16 -11.98
C ASP A 176 -8.02 7.49 -10.58
N PRO A 177 -7.14 7.76 -9.62
CA PRO A 177 -7.61 8.05 -8.25
C PRO A 177 -8.62 9.18 -8.18
N VAL A 178 -8.48 10.19 -9.04
CA VAL A 178 -9.47 11.27 -9.08
C VAL A 178 -10.84 10.73 -9.46
N THR A 179 -10.87 9.80 -10.41
CA THR A 179 -12.14 9.22 -10.83
C THR A 179 -12.75 8.38 -9.72
N TYR A 180 -11.92 7.62 -9.00
CA TYR A 180 -12.43 6.80 -7.90
C TYR A 180 -12.98 7.67 -6.77
N GLN A 181 -12.31 8.80 -6.48
CA GLN A 181 -12.80 9.70 -5.44
C GLN A 181 -14.16 10.27 -5.81
N ILE A 182 -14.35 10.64 -7.07
CA ILE A 182 -15.63 11.22 -7.50
C ILE A 182 -16.74 10.17 -7.38
N ILE A 183 -16.44 8.91 -7.68
CA ILE A 183 -17.44 7.86 -7.55
C ILE A 183 -17.79 7.63 -6.09
N ARG A 184 -16.78 7.57 -5.22
CA ARG A 184 -17.05 7.38 -3.79
C ARG A 184 -17.86 8.53 -3.21
N ARG A 185 -17.71 9.73 -3.77
CA ARG A 185 -18.55 10.84 -3.35
C ARG A 185 -19.97 10.69 -3.86
N THR A 186 -20.14 10.13 -5.06
CA THR A 186 -21.47 9.84 -5.57
C THR A 186 -22.18 8.78 -4.74
N LEU A 187 -21.42 7.85 -4.17
CA LEU A 187 -21.99 6.80 -3.33
C LEU A 187 -22.56 7.33 -2.02
N LYS A 188 -22.31 8.60 -1.69
CA LYS A 188 -22.86 9.22 -0.50
C LYS A 188 -23.88 10.31 -0.81
N GLN A 189 -24.18 10.55 -2.08
CA GLN A 189 -25.16 11.57 -2.46
C GLN A 189 -26.26 10.95 -3.32
N ALA A 190 -26.03 10.89 -4.63
CA ALA A 190 -27.03 10.32 -5.53
C ALA A 190 -27.14 8.81 -5.35
N PHE A 191 -26.01 8.12 -5.32
CA PHE A 191 -25.98 6.68 -5.11
C PHE A 191 -25.86 6.31 -3.64
N ALA A 192 -26.60 7.00 -2.77
CA ALA A 192 -26.48 6.76 -1.33
C ALA A 192 -27.15 5.46 -0.91
N ASP A 193 -28.33 5.16 -1.47
CA ASP A 193 -29.10 3.97 -1.11
C ASP A 193 -29.12 2.95 -2.25
N CYS A 194 -28.00 2.82 -2.95
CA CYS A 194 -27.88 1.91 -4.08
C CYS A 194 -26.88 0.79 -3.76
N THR A 195 -27.16 -0.39 -4.29
CA THR A 195 -26.27 -1.53 -4.10
C THR A 195 -24.98 -1.32 -4.89
N VAL A 196 -23.84 -1.56 -4.24
CA VAL A 196 -22.52 -1.45 -4.87
C VAL A 196 -21.80 -2.78 -4.69
N ILE A 197 -21.36 -3.36 -5.79
CA ILE A 197 -20.58 -4.60 -5.78
C ILE A 197 -19.14 -4.22 -6.09
N LEU A 198 -18.30 -4.21 -5.07
CA LEU A 198 -16.91 -3.79 -5.18
C LEU A 198 -16.02 -5.01 -5.40
N CYS A 199 -15.37 -5.08 -6.56
CA CYS A 199 -14.51 -6.20 -6.90
C CYS A 199 -13.05 -5.77 -6.76
N GLU A 200 -12.31 -6.45 -5.88
CA GLU A 200 -10.89 -6.16 -5.69
C GLU A 200 -10.17 -7.47 -5.41
N ALA A 201 -8.84 -7.42 -5.49
CA ALA A 201 -8.00 -8.58 -5.22
C ALA A 201 -7.39 -8.57 -3.83
N ARG A 202 -7.49 -7.46 -3.10
CA ARG A 202 -6.97 -7.34 -1.74
C ARG A 202 -8.09 -6.86 -0.82
N ILE A 203 -8.09 -7.39 0.40
CA ILE A 203 -9.14 -7.04 1.37
C ILE A 203 -9.04 -5.56 1.77
N GLU A 204 -7.82 -5.00 1.77
CA GLU A 204 -7.64 -3.62 2.20
C GLU A 204 -8.39 -2.62 1.32
N ALA A 205 -8.76 -3.01 0.10
CA ALA A 205 -9.46 -2.12 -0.82
C ALA A 205 -10.98 -2.26 -0.74
N MET A 206 -11.50 -2.94 0.26
CA MET A 206 -12.95 -3.12 0.39
C MET A 206 -13.34 -3.15 1.87
N LEU A 207 -12.79 -2.22 2.65
CA LEU A 207 -13.07 -2.19 4.08
C LEU A 207 -14.47 -1.67 4.37
N GLU A 208 -14.91 -0.66 3.64
CA GLU A 208 -16.19 0.00 3.87
C GLU A 208 -17.38 -0.84 3.44
N CYS A 209 -17.21 -2.11 3.06
CA CYS A 209 -18.31 -2.94 2.62
C CYS A 209 -18.99 -3.60 3.81
N ASP A 210 -20.32 -3.68 3.74
CA ASP A 210 -21.09 -4.33 4.80
C ASP A 210 -21.03 -5.85 4.70
N GLN A 211 -20.95 -6.38 3.49
CA GLN A 211 -20.91 -7.81 3.25
C GLN A 211 -19.76 -8.13 2.31
N PHE A 212 -19.33 -9.40 2.32
CA PHE A 212 -18.18 -9.83 1.53
C PHE A 212 -18.49 -11.14 0.82
N LEU A 213 -17.90 -11.29 -0.36
CA LEU A 213 -17.98 -12.51 -1.15
C LEU A 213 -16.59 -12.89 -1.61
N VAL A 214 -16.24 -14.16 -1.46
CA VAL A 214 -14.89 -14.64 -1.76
C VAL A 214 -15.00 -15.72 -2.83
N ILE A 215 -14.20 -15.61 -3.88
CA ILE A 215 -14.19 -16.57 -4.98
C ILE A 215 -13.07 -17.56 -4.68
N GLU A 216 -13.41 -18.62 -3.95
CA GLU A 216 -12.47 -19.70 -3.64
C GLU A 216 -12.69 -20.82 -4.65
N GLU A 217 -11.66 -21.10 -5.46
CA GLU A 217 -11.72 -22.10 -6.53
C GLU A 217 -12.84 -21.67 -7.48
N ASN A 218 -13.81 -22.52 -7.80
CA ASN A 218 -14.93 -22.16 -8.67
C ASN A 218 -16.21 -21.90 -7.88
N LYS A 219 -16.10 -21.60 -6.60
CA LYS A 219 -17.24 -21.36 -5.72
C LYS A 219 -17.19 -19.92 -5.20
N VAL A 220 -18.25 -19.55 -4.49
CA VAL A 220 -18.36 -18.23 -3.87
C VAL A 220 -18.86 -18.43 -2.45
N ARG A 221 -18.02 -18.12 -1.47
CA ARG A 221 -18.39 -18.20 -0.06
C ARG A 221 -18.76 -16.83 0.47
N GLN A 222 -19.72 -16.80 1.39
CA GLN A 222 -20.33 -15.57 1.86
C GLN A 222 -19.90 -15.27 3.29
N TYR A 223 -19.65 -13.99 3.57
CA TYR A 223 -19.27 -13.53 4.90
C TYR A 223 -19.99 -12.23 5.19
N ASP A 224 -20.64 -12.16 6.36
CA ASP A 224 -21.41 -10.98 6.75
C ASP A 224 -20.60 -10.02 7.60
N SER A 225 -19.31 -10.27 7.80
CA SER A 225 -18.47 -9.37 8.58
C SER A 225 -17.02 -9.58 8.17
N ILE A 226 -16.20 -8.57 8.43
CA ILE A 226 -14.77 -8.65 8.13
C ILE A 226 -14.02 -9.47 9.16
N GLN A 227 -14.66 -9.84 10.27
CA GLN A 227 -14.01 -10.63 11.30
C GLN A 227 -13.75 -12.05 10.78
N LYS A 228 -12.47 -12.42 10.72
CA LYS A 228 -12.03 -13.70 10.17
C LYS A 228 -12.63 -13.92 8.79
N LEU A 229 -12.06 -13.27 7.78
CA LEU A 229 -12.55 -13.40 6.41
C LEU A 229 -11.74 -14.46 5.67
N ASP B 1 -5.38 -16.94 42.93
CA ASP B 1 -5.55 -16.60 41.53
C ASP B 1 -4.26 -16.03 40.96
N ILE B 2 -4.28 -15.68 39.68
CA ILE B 2 -3.12 -15.10 39.01
C ILE B 2 -3.47 -13.67 38.60
N TRP B 3 -2.43 -12.83 38.49
CA TRP B 3 -2.59 -11.48 38.00
C TRP B 3 -1.44 -11.19 37.04
N PRO B 4 -1.72 -10.64 35.84
CA PRO B 4 -3.08 -10.30 35.40
C PRO B 4 -3.87 -11.52 34.92
N SER B 5 -5.13 -11.61 35.34
CA SER B 5 -5.99 -12.71 34.91
C SER B 5 -6.36 -12.55 33.43
N GLY B 6 -7.11 -11.49 33.11
CA GLY B 6 -7.44 -11.14 31.76
C GLY B 6 -6.73 -9.89 31.30
N GLY B 7 -7.29 -9.27 30.26
CA GLY B 7 -6.69 -8.06 29.73
C GLY B 7 -7.62 -6.85 29.80
N GLN B 8 -8.50 -6.82 30.80
CA GLN B 8 -9.43 -5.71 30.95
C GLN B 8 -8.67 -4.47 31.39
N MET B 9 -8.79 -3.40 30.60
CA MET B 9 -8.11 -2.14 30.88
C MET B 9 -9.15 -1.03 30.99
N THR B 10 -8.96 -0.16 31.99
CA THR B 10 -9.90 0.93 32.23
C THR B 10 -9.12 2.20 32.50
N VAL B 11 -9.38 3.24 31.69
CA VAL B 11 -8.73 4.54 31.83
C VAL B 11 -9.79 5.56 32.21
N LYS B 12 -9.50 6.38 33.22
CA LYS B 12 -10.47 7.33 33.77
C LYS B 12 -10.22 8.75 33.29
N ASP B 13 -9.06 9.32 33.64
CA ASP B 13 -8.72 10.70 33.28
C ASP B 13 -7.20 10.78 33.14
N LEU B 14 -6.67 10.21 32.07
CA LEU B 14 -5.23 10.15 31.86
C LEU B 14 -4.73 11.43 31.20
N THR B 15 -3.66 11.99 31.77
CA THR B 15 -3.01 13.17 31.21
C THR B 15 -1.50 12.89 31.17
N ALA B 16 -0.90 13.08 29.99
CA ALA B 16 0.48 12.71 29.75
C ALA B 16 1.33 13.94 29.50
N LYS B 17 2.42 14.07 30.24
CA LYS B 17 3.40 15.13 30.05
C LYS B 17 4.80 14.52 30.13
N TYR B 18 5.73 15.08 29.36
CA TYR B 18 7.10 14.58 29.35
C TYR B 18 7.97 15.19 30.44
N THR B 19 7.65 16.40 30.88
CA THR B 19 8.37 17.05 31.96
C THR B 19 7.37 17.66 32.95
N GLU B 20 7.88 18.00 34.13
CA GLU B 20 7.04 18.61 35.15
C GLU B 20 6.57 19.98 34.69
N GLY B 21 5.26 20.18 34.68
CA GLY B 21 4.71 21.44 34.21
C GLY B 21 4.84 21.67 32.72
N GLY B 22 4.76 20.61 31.93
CA GLY B 22 4.87 20.70 30.48
C GLY B 22 3.52 20.77 29.81
N ASN B 23 3.53 20.52 28.50
CA ASN B 23 2.32 20.54 27.70
C ASN B 23 1.65 19.17 27.72
N ALA B 24 0.33 19.17 27.87
CA ALA B 24 -0.45 17.95 27.95
C ALA B 24 -0.76 17.48 26.53
N ILE B 25 0.04 16.55 26.01
CA ILE B 25 -0.24 15.96 24.70
C ILE B 25 -1.57 15.22 24.74
N LEU B 26 -1.80 14.45 25.79
CA LEU B 26 -3.08 13.79 26.03
C LEU B 26 -3.70 14.37 27.29
N GLU B 27 -4.98 14.72 27.22
CA GLU B 27 -5.66 15.41 28.32
C GLU B 27 -7.04 14.80 28.52
N ASN B 28 -7.29 14.32 29.73
CA ASN B 28 -8.59 13.78 30.13
C ASN B 28 -9.02 12.63 29.21
N ILE B 29 -8.17 11.62 29.12
CA ILE B 29 -8.42 10.45 28.29
C ILE B 29 -9.20 9.43 29.10
N SER B 30 -10.26 8.87 28.50
CA SER B 30 -11.12 7.91 29.18
C SER B 30 -11.57 6.86 28.18
N PHE B 31 -11.33 5.60 28.50
CA PHE B 31 -11.82 4.48 27.70
C PHE B 31 -11.63 3.20 28.49
N SER B 32 -12.33 2.15 28.05
CA SER B 32 -12.25 0.83 28.66
C SER B 32 -12.10 -0.23 27.59
N ILE B 33 -11.42 -1.31 27.93
CA ILE B 33 -11.12 -2.39 27.00
C ILE B 33 -11.54 -3.72 27.62
N SER B 34 -12.23 -4.54 26.84
CA SER B 34 -12.63 -5.88 27.27
C SER B 34 -11.42 -6.82 27.24
N PRO B 35 -11.41 -7.84 28.10
CA PRO B 35 -10.28 -8.78 28.10
C PRO B 35 -10.14 -9.49 26.76
N GLY B 36 -8.89 -9.64 26.33
CA GLY B 36 -8.59 -10.36 25.11
C GLY B 36 -9.10 -9.71 23.85
N GLN B 37 -9.28 -8.40 23.85
CA GLN B 37 -9.84 -7.69 22.70
C GLN B 37 -8.73 -7.02 21.90
N ARG B 38 -8.86 -7.08 20.57
CA ARG B 38 -7.90 -6.46 19.66
C ARG B 38 -8.32 -5.02 19.42
N VAL B 39 -7.63 -4.08 20.04
CA VAL B 39 -7.95 -2.66 19.95
C VAL B 39 -6.94 -1.98 19.04
N GLY B 40 -7.44 -1.16 18.11
CA GLY B 40 -6.58 -0.43 17.20
C GLY B 40 -6.52 1.05 17.50
N LEU B 41 -5.34 1.54 17.87
CA LEU B 41 -5.14 2.97 18.17
C LEU B 41 -4.77 3.68 16.88
N LEU B 42 -5.71 4.41 16.30
CA LEU B 42 -5.49 5.13 15.05
C LEU B 42 -5.15 6.58 15.34
N GLY B 43 -4.18 7.11 14.60
CA GLY B 43 -3.77 8.50 14.74
C GLY B 43 -2.67 8.87 13.77
N ARG B 44 -2.74 10.08 13.23
CA ARG B 44 -1.70 10.55 12.33
C ARG B 44 -0.40 10.80 13.10
N THR B 45 0.65 11.17 12.37
CA THR B 45 1.93 11.42 13.01
C THR B 45 1.83 12.61 13.96
N GLY B 46 2.53 12.51 15.09
CA GLY B 46 2.49 13.55 16.08
C GLY B 46 1.20 13.67 16.85
N SER B 47 0.28 12.72 16.69
CA SER B 47 -0.99 12.79 17.42
C SER B 47 -0.84 12.31 18.87
N GLY B 48 0.13 11.45 19.14
CA GLY B 48 0.35 10.97 20.49
C GLY B 48 0.19 9.49 20.67
N LYS B 49 0.41 8.72 19.60
CA LYS B 49 0.29 7.27 19.70
C LYS B 49 1.41 6.69 20.55
N SER B 50 2.67 7.04 20.23
CA SER B 50 3.79 6.57 21.03
C SER B 50 3.72 7.11 22.45
N THR B 51 3.13 8.28 22.64
CA THR B 51 3.04 8.88 23.98
C THR B 51 2.06 8.11 24.86
N LEU B 52 0.93 7.66 24.29
CA LEU B 52 -0.05 6.93 25.08
C LEU B 52 0.50 5.61 25.59
N LEU B 53 1.34 4.94 24.78
CA LEU B 53 1.95 3.70 25.23
C LEU B 53 2.93 3.94 26.37
N LEU B 54 3.67 5.05 26.31
CA LEU B 54 4.57 5.40 27.40
C LEU B 54 3.80 5.73 28.68
N ALA B 55 2.59 6.27 28.54
CA ALA B 55 1.77 6.56 29.72
C ALA B 55 1.31 5.28 30.41
N PHE B 56 1.07 4.21 29.64
CA PHE B 56 0.69 2.94 30.24
C PHE B 56 1.82 2.37 31.09
N LEU B 57 3.05 2.47 30.59
CA LEU B 57 4.22 1.96 31.30
C LEU B 57 4.76 2.94 32.34
N ARG B 58 4.12 4.11 32.49
CA ARG B 58 4.57 5.15 33.43
C ARG B 58 6.01 5.55 33.17
N LEU B 59 6.37 5.68 31.89
CA LEU B 59 7.67 6.16 31.48
C LEU B 59 7.71 7.67 31.31
N LEU B 60 6.69 8.37 31.78
CA LEU B 60 6.66 9.83 31.79
C LEU B 60 5.68 10.27 32.87
N ASN B 61 5.51 11.58 33.02
CA ASN B 61 4.63 12.12 34.04
C ASN B 61 3.18 11.90 33.66
N THR B 62 2.46 11.14 34.47
CA THR B 62 1.07 10.78 34.21
C THR B 62 0.19 11.19 35.38
N GLU B 63 -0.94 11.82 35.08
CA GLU B 63 -1.96 12.14 36.06
C GLU B 63 -3.24 11.40 35.68
N GLY B 64 -3.84 10.71 36.64
CA GLY B 64 -5.03 9.92 36.43
C GLY B 64 -4.86 8.53 36.98
N GLU B 65 -5.81 7.66 36.64
CA GLU B 65 -5.81 6.29 37.13
C GLU B 65 -6.04 5.33 35.98
N ILE B 66 -5.22 4.27 35.91
CA ILE B 66 -5.42 3.17 34.99
C ILE B 66 -5.52 1.89 35.80
N GLN B 67 -6.48 1.05 35.45
CA GLN B 67 -6.74 -0.19 36.15
C GLN B 67 -6.68 -1.36 35.19
N ILE B 68 -6.05 -2.45 35.63
CA ILE B 68 -5.98 -3.70 34.87
C ILE B 68 -6.60 -4.79 35.71
N ASP B 69 -7.72 -5.34 35.23
CA ASP B 69 -8.47 -6.38 35.94
C ASP B 69 -8.89 -5.92 37.34
N GLY B 70 -9.15 -4.63 37.50
CA GLY B 70 -9.57 -4.07 38.76
C GLY B 70 -8.45 -3.67 39.70
N VAL B 71 -7.21 -3.68 39.25
CA VAL B 71 -6.06 -3.34 40.07
C VAL B 71 -5.47 -2.04 39.55
N SER B 72 -5.57 -0.99 40.37
CA SER B 72 -5.02 0.31 39.99
C SER B 72 -3.50 0.29 40.06
N TRP B 73 -2.87 1.08 39.18
CA TRP B 73 -1.42 1.16 39.16
C TRP B 73 -0.83 1.81 40.41
N ASP B 74 -1.67 2.44 41.23
CA ASP B 74 -1.25 2.97 42.52
C ASP B 74 -1.42 1.95 43.64
N SER B 75 -1.69 0.68 43.30
CA SER B 75 -1.95 -0.36 44.30
C SER B 75 -0.98 -1.52 44.19
N ILE B 76 0.05 -1.42 43.33
CA ILE B 76 1.05 -2.46 43.17
C ILE B 76 2.40 -1.80 42.93
N THR B 77 3.44 -2.62 42.76
CA THR B 77 4.77 -2.13 42.48
C THR B 77 4.87 -1.71 41.01
N LEU B 78 5.67 -0.66 40.78
CA LEU B 78 5.86 -0.17 39.40
C LEU B 78 6.42 -1.27 38.51
N GLU B 79 7.32 -2.09 39.04
CA GLU B 79 7.85 -3.20 38.25
C GLU B 79 6.78 -4.27 38.01
N GLN B 80 5.90 -4.48 38.98
CA GLN B 80 4.82 -5.44 38.82
C GLN B 80 3.74 -4.94 37.86
N TRP B 81 3.63 -3.62 37.67
CA TRP B 81 2.66 -3.08 36.74
C TRP B 81 3.13 -3.21 35.30
N ARG B 82 4.43 -3.01 35.05
CA ARG B 82 4.97 -3.11 33.70
C ARG B 82 5.13 -4.55 33.24
N LYS B 83 5.27 -5.50 34.16
CA LYS B 83 5.44 -6.90 33.79
C LYS B 83 4.16 -7.50 33.20
N ALA B 84 3.03 -6.79 33.29
CA ALA B 84 1.79 -7.23 32.67
C ALA B 84 1.69 -6.82 31.20
N PHE B 85 2.63 -6.03 30.71
CA PHE B 85 2.61 -5.55 29.33
C PHE B 85 3.67 -6.25 28.50
N GLY B 86 3.38 -6.38 27.21
CA GLY B 86 4.37 -6.80 26.23
C GLY B 86 4.62 -5.67 25.24
N VAL B 87 5.87 -5.24 25.10
CA VAL B 87 6.20 -4.02 24.37
C VAL B 87 7.07 -4.39 23.18
N ILE B 88 6.51 -4.24 21.98
CA ILE B 88 7.25 -4.37 20.73
C ILE B 88 6.75 -3.26 19.81
N PRO B 89 7.63 -2.48 19.17
CA PRO B 89 9.09 -2.53 19.25
C PRO B 89 9.65 -1.82 20.48
N GLN B 90 10.86 -2.22 20.88
CA GLN B 90 11.53 -1.64 22.02
C GLN B 90 12.99 -2.10 21.99
N ASP B 91 13.90 -1.19 22.30
CA ASP B 91 15.31 -1.58 22.43
C ASP B 91 15.44 -2.56 23.59
N VAL B 92 15.48 -3.85 23.26
CA VAL B 92 15.41 -4.90 24.28
C VAL B 92 16.63 -4.84 25.19
N PHE B 93 16.39 -4.96 26.50
CA PHE B 93 17.46 -4.97 27.49
C PHE B 93 17.85 -6.42 27.75
N ILE B 94 19.04 -6.80 27.31
CA ILE B 94 19.54 -8.17 27.48
C ILE B 94 20.25 -8.27 28.81
N PHE B 95 19.88 -9.27 29.62
CA PHE B 95 20.53 -9.50 30.89
C PHE B 95 21.99 -9.90 30.69
N SER B 96 22.73 -9.89 31.80
CA SER B 96 24.10 -10.38 31.81
C SER B 96 24.14 -11.84 32.27
N GLY B 97 23.47 -12.68 31.50
CA GLY B 97 23.38 -14.08 31.82
C GLY B 97 23.12 -14.93 30.60
N THR B 98 22.60 -16.13 30.86
CA THR B 98 22.36 -17.10 29.80
C THR B 98 21.06 -16.80 29.06
N PHE B 99 20.82 -17.56 27.99
CA PHE B 99 19.53 -17.50 27.30
C PHE B 99 18.39 -17.88 28.22
N ARG B 100 18.63 -18.80 29.15
CA ARG B 100 17.56 -19.26 30.04
C ARG B 100 17.09 -18.13 30.95
N LYS B 101 18.03 -17.38 31.53
CA LYS B 101 17.64 -16.29 32.41
C LYS B 101 17.06 -15.11 31.64
N ASN B 102 17.54 -14.87 30.41
CA ASN B 102 16.98 -13.80 29.60
C ASN B 102 15.55 -14.12 29.16
N LEU B 103 15.25 -15.40 28.92
CA LEU B 103 13.90 -15.81 28.56
C LEU B 103 13.03 -16.05 29.78
N ASP B 104 13.59 -16.63 30.84
CA ASP B 104 12.86 -16.94 32.08
C ASP B 104 13.62 -16.31 33.25
N PRO B 105 13.40 -15.03 33.51
CA PRO B 105 14.12 -14.39 34.63
C PRO B 105 13.69 -14.89 36.00
N ASN B 106 12.41 -15.25 36.16
CA ASN B 106 11.90 -15.70 37.46
C ASN B 106 12.14 -17.18 37.71
N GLU B 107 12.64 -17.92 36.72
CA GLU B 107 12.94 -19.34 36.87
C GLU B 107 11.70 -20.14 37.29
N GLN B 108 10.59 -19.88 36.60
CA GLN B 108 9.33 -20.55 36.88
C GLN B 108 8.99 -21.64 35.88
N TRP B 109 9.74 -21.76 34.79
CA TRP B 109 9.48 -22.75 33.75
C TRP B 109 10.66 -23.70 33.65
N SER B 110 10.40 -24.85 33.04
CA SER B 110 11.44 -25.83 32.76
C SER B 110 12.02 -25.60 31.36
N ASP B 111 13.17 -26.21 31.10
CA ASP B 111 13.83 -26.03 29.81
C ASP B 111 12.99 -26.59 28.66
N GLN B 112 12.14 -27.57 28.93
CA GLN B 112 11.25 -28.07 27.90
C GLN B 112 10.17 -27.05 27.57
N GLU B 113 9.68 -26.33 28.58
CA GLU B 113 8.66 -25.32 28.34
C GLU B 113 9.26 -24.07 27.71
N ILE B 114 10.55 -23.80 27.97
CA ILE B 114 11.21 -22.65 27.37
C ILE B 114 11.53 -22.90 25.90
N TRP B 115 12.00 -24.11 25.59
CA TRP B 115 12.35 -24.43 24.20
C TRP B 115 11.13 -24.41 23.29
N LYS B 116 9.95 -24.78 23.81
CA LYS B 116 8.75 -24.73 22.99
C LYS B 116 8.42 -23.30 22.59
N VAL B 117 8.63 -22.35 23.50
CA VAL B 117 8.42 -20.94 23.17
C VAL B 117 9.48 -20.47 22.18
N ALA B 118 10.74 -20.86 22.38
CA ALA B 118 11.80 -20.44 21.48
C ALA B 118 11.57 -20.93 20.05
N ASP B 119 10.89 -22.06 19.89
CA ASP B 119 10.59 -22.56 18.55
C ASP B 119 9.38 -21.84 17.94
N GLU B 120 8.44 -21.41 18.77
CA GLU B 120 7.28 -20.68 18.26
C GLU B 120 7.68 -19.30 17.76
N VAL B 121 8.56 -18.60 18.50
CA VAL B 121 8.97 -17.25 18.12
C VAL B 121 10.07 -17.25 17.08
N GLY B 122 10.48 -18.42 16.58
CA GLY B 122 11.52 -18.50 15.58
C GLY B 122 12.94 -18.37 16.10
N LEU B 123 13.14 -18.51 17.41
CA LEU B 123 14.47 -18.42 17.99
C LEU B 123 15.11 -19.79 18.22
N ARG B 124 14.46 -20.87 17.81
CA ARG B 124 15.02 -22.20 17.99
C ARG B 124 16.32 -22.36 17.20
N SER B 125 16.30 -21.97 15.93
CA SER B 125 17.49 -22.11 15.09
C SER B 125 18.61 -21.18 15.53
N VAL B 126 18.26 -20.04 16.14
CA VAL B 126 19.28 -19.07 16.54
C VAL B 126 20.05 -19.57 17.75
N ILE B 127 19.38 -20.24 18.67
CA ILE B 127 20.03 -20.69 19.90
C ILE B 127 20.88 -21.93 19.66
N GLU B 128 20.48 -22.79 18.72
CA GLU B 128 21.21 -24.03 18.46
C GLU B 128 22.62 -23.76 17.94
N GLN B 129 22.86 -22.61 17.31
CA GLN B 129 24.20 -22.31 16.82
C GLN B 129 25.20 -22.17 17.96
N PHE B 130 24.77 -21.57 19.07
CA PHE B 130 25.68 -21.36 20.18
C PHE B 130 25.93 -22.67 20.91
N PRO B 131 27.16 -22.91 21.37
CA PRO B 131 27.44 -24.14 22.13
C PRO B 131 26.74 -24.10 23.48
N GLY B 132 26.08 -25.21 23.82
CA GLY B 132 25.33 -25.31 25.06
C GLY B 132 23.88 -24.91 24.96
N GLY B 133 23.50 -24.16 23.93
CA GLY B 133 22.12 -23.76 23.75
C GLY B 133 21.68 -22.68 24.72
N LEU B 134 20.75 -23.03 25.60
CA LEU B 134 20.22 -22.05 26.55
C LEU B 134 21.25 -21.62 27.58
N ASP B 135 22.34 -22.37 27.74
CA ASP B 135 23.37 -22.05 28.72
C ASP B 135 24.41 -21.07 28.18
N PHE B 136 24.29 -20.64 26.93
CA PHE B 136 25.22 -19.66 26.39
C PHE B 136 24.98 -18.30 27.04
N VAL B 137 26.04 -17.72 27.60
CA VAL B 137 25.92 -16.45 28.31
C VAL B 137 25.97 -15.31 27.30
N LEU B 138 25.04 -14.36 27.44
CA LEU B 138 24.99 -13.17 26.59
C LEU B 138 25.56 -12.00 27.37
N VAL B 139 26.80 -11.63 27.04
CA VAL B 139 27.45 -10.48 27.65
C VAL B 139 27.46 -9.33 26.65
N ASP B 140 27.85 -8.15 27.14
CA ASP B 140 27.91 -6.94 26.33
C ASP B 140 26.54 -6.60 25.72
N GLY B 141 25.51 -6.70 26.56
CA GLY B 141 24.17 -6.35 26.14
C GLY B 141 23.62 -7.23 25.02
N GLY B 142 24.13 -8.45 24.88
CA GLY B 142 23.70 -9.32 23.81
C GLY B 142 24.27 -8.91 22.47
N CYS B 143 25.58 -8.69 22.42
CA CYS B 143 26.24 -8.27 21.19
C CYS B 143 26.17 -9.33 20.11
N VAL B 144 25.98 -10.61 20.48
CA VAL B 144 26.02 -11.70 19.52
C VAL B 144 24.69 -11.92 18.80
N LEU B 145 23.64 -11.21 19.20
CA LEU B 145 22.33 -11.34 18.59
C LEU B 145 22.01 -10.12 17.75
N SER B 146 21.30 -10.35 16.64
CA SER B 146 20.86 -9.25 15.78
C SER B 146 19.69 -8.51 16.42
N HIS B 147 19.29 -7.41 15.79
CA HIS B 147 18.21 -6.60 16.34
C HIS B 147 16.88 -7.32 16.26
N GLY B 148 16.65 -8.08 15.18
CA GLY B 148 15.38 -8.77 15.03
C GLY B 148 15.19 -9.91 16.01
N HIS B 149 16.29 -10.58 16.39
CA HIS B 149 16.19 -11.67 17.34
C HIS B 149 16.02 -11.17 18.77
N LYS B 150 16.49 -9.96 19.07
CA LYS B 150 16.27 -9.40 20.40
C LYS B 150 14.79 -9.13 20.64
N GLN B 151 14.08 -8.62 19.64
CA GLN B 151 12.65 -8.39 19.78
C GLN B 151 11.89 -9.70 19.91
N LEU B 152 12.32 -10.74 19.19
CA LEU B 152 11.74 -12.06 19.38
C LEU B 152 12.01 -12.59 20.77
N MET B 153 13.11 -12.17 21.38
CA MET B 153 13.40 -12.54 22.76
C MET B 153 12.52 -11.77 23.74
N CYS B 154 12.35 -10.46 23.51
CA CYS B 154 11.39 -9.70 24.28
C CYS B 154 9.98 -10.24 24.09
N LEU B 155 9.67 -10.71 22.89
CA LEU B 155 8.39 -11.39 22.66
C LEU B 155 8.33 -12.70 23.44
N ALA B 156 9.37 -13.53 23.31
CA ALA B 156 9.41 -14.79 24.05
C ALA B 156 9.48 -14.57 25.55
N ARG B 157 10.08 -13.46 25.99
CA ARG B 157 10.07 -13.12 27.40
C ARG B 157 8.65 -12.78 27.87
N ALA B 158 7.81 -12.26 26.97
CA ALA B 158 6.46 -11.87 27.37
C ALA B 158 5.57 -13.08 27.57
N VAL B 159 5.66 -14.07 26.69
CA VAL B 159 4.80 -15.25 26.82
C VAL B 159 5.33 -16.18 27.91
N LEU B 160 6.64 -16.15 28.19
CA LEU B 160 7.15 -16.89 29.33
C LEU B 160 6.77 -16.19 30.63
N SER B 161 6.62 -14.87 30.60
CA SER B 161 5.91 -14.15 31.63
C SER B 161 4.41 -14.31 31.36
N LYS B 162 3.56 -13.63 32.12
CA LYS B 162 2.13 -13.76 31.89
C LYS B 162 1.50 -12.40 31.58
N ALA B 163 2.00 -11.74 30.55
CA ALA B 163 1.45 -10.47 30.11
C ALA B 163 0.18 -10.71 29.32
N LYS B 164 -0.87 -9.95 29.64
CA LYS B 164 -2.15 -10.07 28.96
C LYS B 164 -2.48 -8.89 28.06
N ILE B 165 -1.66 -7.83 28.07
CA ILE B 165 -1.85 -6.66 27.22
C ILE B 165 -0.60 -6.48 26.39
N LEU B 166 -0.73 -6.59 25.07
CA LEU B 166 0.38 -6.45 24.15
C LEU B 166 0.30 -5.10 23.45
N LEU B 167 1.40 -4.35 23.49
CA LEU B 167 1.47 -3.01 22.93
C LEU B 167 2.33 -3.03 21.67
N LEU B 168 1.84 -2.40 20.61
CA LEU B 168 2.54 -2.37 19.32
C LEU B 168 2.46 -0.95 18.75
N ASP B 169 3.59 -0.27 18.65
CA ASP B 169 3.67 1.05 18.02
C ASP B 169 4.12 0.85 16.58
N GLU B 170 3.17 0.91 15.66
CA GLU B 170 3.43 0.87 14.22
C GLU B 170 4.33 -0.30 13.80
N PRO B 171 3.90 -1.54 14.04
CA PRO B 171 4.74 -2.69 13.64
C PRO B 171 4.82 -2.89 12.15
N SER B 172 3.84 -2.41 11.38
CA SER B 172 3.85 -2.59 9.93
C SER B 172 4.93 -1.76 9.25
N ALA B 173 5.54 -0.80 9.95
CA ALA B 173 6.57 0.04 9.35
C ALA B 173 7.84 0.04 10.18
N HIS B 174 7.70 -0.10 11.50
CA HIS B 174 8.83 -0.04 12.42
C HIS B 174 9.32 -1.41 12.85
N LEU B 175 8.94 -2.46 12.13
CA LEU B 175 9.43 -3.80 12.38
C LEU B 175 9.73 -4.47 11.05
N ASP B 176 10.66 -5.42 11.08
CA ASP B 176 10.91 -6.24 9.92
C ASP B 176 9.66 -7.08 9.62
N PRO B 177 9.28 -7.21 8.34
CA PRO B 177 8.06 -7.99 8.04
C PRO B 177 8.10 -9.41 8.59
N VAL B 178 9.27 -10.05 8.61
CA VAL B 178 9.38 -11.38 9.21
C VAL B 178 9.05 -11.33 10.69
N THR B 179 9.49 -10.27 11.38
CA THR B 179 9.20 -10.14 12.80
C THR B 179 7.71 -9.92 13.05
N TYR B 180 7.05 -9.15 12.18
CA TYR B 180 5.63 -8.89 12.35
C TYR B 180 4.81 -10.16 12.11
N GLN B 181 5.24 -11.00 11.16
CA GLN B 181 4.53 -12.25 10.90
C GLN B 181 4.59 -13.18 12.11
N ILE B 182 5.72 -13.23 12.79
CA ILE B 182 5.87 -14.11 13.95
C ILE B 182 4.97 -13.64 15.09
N ILE B 183 4.86 -12.31 15.26
CA ILE B 183 3.99 -11.77 16.31
C ILE B 183 2.54 -12.12 16.03
N ARG B 184 2.07 -11.90 14.80
CA ARG B 184 0.71 -12.26 14.45
C ARG B 184 0.48 -13.76 14.58
N ARG B 185 1.52 -14.56 14.34
CA ARG B 185 1.43 -15.99 14.60
C ARG B 185 1.28 -16.29 16.09
N THR B 186 1.91 -15.48 16.94
CA THR B 186 1.76 -15.64 18.38
C THR B 186 0.39 -15.19 18.86
N LEU B 187 -0.22 -14.24 18.14
CA LEU B 187 -1.53 -13.73 18.54
C LEU B 187 -2.62 -14.77 18.44
N LYS B 188 -2.41 -15.84 17.68
CA LYS B 188 -3.38 -16.92 17.54
C LYS B 188 -2.97 -18.17 18.29
N GLN B 189 -1.79 -18.19 18.90
CA GLN B 189 -1.33 -19.38 19.62
C GLN B 189 -1.09 -19.07 21.09
N ALA B 190 0.11 -18.59 21.42
CA ALA B 190 0.44 -18.30 22.81
C ALA B 190 -0.39 -17.13 23.34
N PHE B 191 -0.39 -16.01 22.62
CA PHE B 191 -1.18 -14.84 23.00
C PHE B 191 -2.55 -14.84 22.33
N ALA B 192 -3.25 -15.98 22.44
CA ALA B 192 -4.55 -16.10 21.80
C ALA B 192 -5.61 -15.27 22.51
N ASP B 193 -5.72 -15.43 23.83
CA ASP B 193 -6.71 -14.70 24.63
C ASP B 193 -6.06 -13.56 25.40
N CYS B 194 -5.33 -12.69 24.70
CA CYS B 194 -4.64 -11.57 25.32
C CYS B 194 -5.01 -10.28 24.60
N THR B 195 -5.18 -9.21 25.37
CA THR B 195 -5.50 -7.91 24.80
C THR B 195 -4.32 -7.37 24.01
N VAL B 196 -4.60 -6.78 22.86
CA VAL B 196 -3.58 -6.19 21.99
C VAL B 196 -4.03 -4.77 21.63
N ILE B 197 -3.16 -3.80 21.90
CA ILE B 197 -3.37 -2.43 21.45
C ILE B 197 -2.45 -2.22 20.26
N LEU B 198 -3.05 -2.09 19.08
CA LEU B 198 -2.32 -1.92 17.82
C LEU B 198 -2.36 -0.44 17.44
N CYS B 199 -1.19 0.19 17.44
CA CYS B 199 -1.06 1.60 17.10
C CYS B 199 -0.54 1.73 15.68
N GLU B 200 -1.33 2.35 14.80
CA GLU B 200 -0.94 2.58 13.42
C GLU B 200 -1.46 3.95 12.98
N ALA B 201 -0.87 4.46 11.89
CA ALA B 201 -1.27 5.73 11.33
C ALA B 201 -2.27 5.59 10.18
N ARG B 202 -2.50 4.37 9.71
CA ARG B 202 -3.47 4.11 8.65
C ARG B 202 -4.46 3.04 9.10
N ILE B 203 -5.71 3.20 8.67
CA ILE B 203 -6.75 2.24 9.04
C ILE B 203 -6.49 0.88 8.37
N GLU B 204 -5.81 0.88 7.22
CA GLU B 204 -5.56 -0.36 6.49
C GLU B 204 -4.67 -1.32 7.26
N ALA B 205 -3.96 -0.85 8.29
CA ALA B 205 -3.04 -1.69 9.05
C ALA B 205 -3.63 -2.15 10.38
N MET B 206 -4.96 -2.11 10.52
CA MET B 206 -5.61 -2.55 11.75
C MET B 206 -7.00 -3.10 11.43
N LEU B 207 -7.10 -3.92 10.38
CA LEU B 207 -8.40 -4.41 9.94
C LEU B 207 -8.98 -5.43 10.93
N GLU B 208 -8.13 -6.33 11.43
CA GLU B 208 -8.58 -7.42 12.29
C GLU B 208 -8.94 -6.96 13.69
N CYS B 209 -8.79 -5.68 14.02
CA CYS B 209 -9.08 -5.21 15.36
C CYS B 209 -10.58 -5.19 15.61
N ASP B 210 -10.98 -5.58 16.82
CA ASP B 210 -12.39 -5.57 17.19
C ASP B 210 -12.87 -4.14 17.47
N GLN B 211 -12.12 -3.40 18.28
CA GLN B 211 -12.43 -2.03 18.64
C GLN B 211 -11.42 -1.09 18.00
N PHE B 212 -11.73 0.20 18.03
CA PHE B 212 -10.85 1.22 17.45
C PHE B 212 -10.82 2.44 18.34
N LEU B 213 -9.62 2.99 18.54
CA LEU B 213 -9.41 4.23 19.28
C LEU B 213 -8.74 5.24 18.33
N VAL B 214 -9.34 6.42 18.22
CA VAL B 214 -8.85 7.47 17.33
C VAL B 214 -8.39 8.65 18.18
N ILE B 215 -7.21 9.17 17.87
CA ILE B 215 -6.64 10.31 18.59
C ILE B 215 -6.92 11.54 17.74
N GLU B 216 -8.02 12.21 18.03
CA GLU B 216 -8.38 13.46 17.37
C GLU B 216 -7.99 14.63 18.25
N GLU B 217 -7.23 15.57 17.69
CA GLU B 217 -6.66 16.69 18.44
C GLU B 217 -5.86 16.18 19.63
N ASN B 218 -6.37 16.41 20.84
CA ASN B 218 -5.75 15.93 22.06
C ASN B 218 -6.62 14.96 22.84
N LYS B 219 -7.78 14.59 22.31
CA LYS B 219 -8.69 13.65 22.95
C LYS B 219 -8.72 12.35 22.16
N VAL B 220 -9.31 11.32 22.76
CA VAL B 220 -9.41 9.99 22.18
C VAL B 220 -10.89 9.63 22.06
N ARG B 221 -11.29 9.14 20.88
CA ARG B 221 -12.63 8.67 20.63
C ARG B 221 -12.58 7.19 20.24
N GLN B 222 -13.65 6.47 20.59
CA GLN B 222 -13.71 5.03 20.40
C GLN B 222 -14.85 4.66 19.46
N TYR B 223 -14.64 3.57 18.71
CA TYR B 223 -15.63 3.04 17.79
C TYR B 223 -15.66 1.53 17.91
N ASP B 224 -16.85 0.96 17.72
CA ASP B 224 -17.03 -0.49 17.81
C ASP B 224 -16.78 -1.21 16.49
N SER B 225 -16.56 -0.47 15.39
CA SER B 225 -16.28 -1.08 14.10
C SER B 225 -15.64 -0.03 13.21
N ILE B 226 -15.21 -0.47 12.03
CA ILE B 226 -14.64 0.42 11.03
C ILE B 226 -15.73 1.38 10.58
N GLN B 227 -15.75 2.58 11.16
CA GLN B 227 -16.88 3.49 10.99
C GLN B 227 -16.39 4.89 10.71
N LYS B 228 -16.81 5.45 9.57
CA LYS B 228 -16.67 6.88 9.29
C LYS B 228 -17.47 7.24 8.05
N ASP C 1 19.98 35.00 -12.06
CA ASP C 1 19.99 33.67 -11.44
C ASP C 1 19.10 33.65 -10.20
N ILE C 2 18.69 32.46 -9.79
CA ILE C 2 17.76 32.28 -8.67
C ILE C 2 18.37 31.32 -7.67
N TRP C 3 18.16 31.61 -6.38
CA TRP C 3 18.57 30.71 -5.31
C TRP C 3 17.32 30.07 -4.69
N PRO C 4 17.31 28.75 -4.47
CA PRO C 4 18.39 27.80 -4.77
C PRO C 4 18.50 27.46 -6.24
N SER C 5 19.72 27.26 -6.72
CA SER C 5 19.93 26.92 -8.13
C SER C 5 19.70 25.45 -8.40
N GLY C 6 20.30 24.58 -7.59
CA GLY C 6 20.18 23.15 -7.79
C GLY C 6 19.63 22.39 -6.61
N GLY C 7 20.29 22.52 -5.46
CA GLY C 7 19.87 21.80 -4.27
C GLY C 7 21.01 21.11 -3.56
N GLN C 8 22.24 21.52 -3.87
CA GLN C 8 23.41 20.97 -3.19
C GLN C 8 23.36 21.32 -1.72
N MET C 9 23.58 20.32 -0.86
CA MET C 9 23.44 20.49 0.58
C MET C 9 24.70 19.97 1.26
N THR C 10 25.35 20.82 2.04
CA THR C 10 26.56 20.47 2.77
C THR C 10 26.32 20.70 4.26
N VAL C 11 26.54 19.66 5.06
CA VAL C 11 26.37 19.71 6.50
C VAL C 11 27.71 19.48 7.16
N LYS C 12 28.02 20.30 8.17
CA LYS C 12 29.32 20.24 8.85
C LYS C 12 29.10 20.32 10.36
N ASP C 13 29.25 19.18 11.04
CA ASP C 13 29.16 19.09 12.49
C ASP C 13 27.82 19.63 13.00
N LEU C 14 26.74 18.97 12.59
CA LEU C 14 25.40 19.37 13.00
C LEU C 14 25.03 18.69 14.31
N THR C 15 24.56 19.49 15.26
CA THR C 15 24.10 18.98 16.56
C THR C 15 22.73 19.54 16.84
N ALA C 16 21.78 18.67 17.17
CA ALA C 16 20.39 19.04 17.35
C ALA C 16 19.95 18.78 18.79
N LYS C 17 19.29 19.76 19.38
CA LYS C 17 18.75 19.65 20.73
C LYS C 17 17.33 20.24 20.74
N TYR C 18 16.50 19.71 21.64
CA TYR C 18 15.15 20.23 21.79
C TYR C 18 15.05 21.32 22.84
N THR C 19 15.95 21.33 23.82
CA THR C 19 15.98 22.35 24.86
C THR C 19 17.35 23.04 24.85
N GLU C 20 17.61 23.84 25.89
CA GLU C 20 18.85 24.60 25.96
C GLU C 20 20.05 23.67 26.10
N GLY C 21 20.10 22.92 27.20
CA GLY C 21 21.21 22.00 27.43
C GLY C 21 20.77 20.56 27.59
N GLY C 22 19.76 20.16 26.82
CA GLY C 22 19.25 18.80 26.88
C GLY C 22 20.15 17.82 26.17
N ASN C 23 19.66 16.59 26.08
CA ASN C 23 20.41 15.53 25.42
C ASN C 23 20.56 15.82 23.93
N ALA C 24 21.77 15.63 23.41
CA ALA C 24 22.04 15.81 21.99
C ALA C 24 21.56 14.56 21.25
N ILE C 25 20.40 14.67 20.60
CA ILE C 25 19.87 13.55 19.82
C ILE C 25 20.82 13.22 18.68
N LEU C 26 21.30 14.25 17.97
CA LEU C 26 22.33 14.12 16.96
C LEU C 26 23.49 15.02 17.35
N GLU C 27 24.71 14.48 17.30
CA GLU C 27 25.89 15.22 17.73
C GLU C 27 26.99 15.07 16.70
N ASN C 28 27.45 16.19 16.15
CA ASN C 28 28.56 16.24 15.19
C ASN C 28 28.24 15.37 13.97
N ILE C 29 27.28 15.86 13.18
CA ILE C 29 26.81 15.19 11.98
C ILE C 29 27.33 15.94 10.76
N SER C 30 27.95 15.23 9.83
CA SER C 30 28.56 15.84 8.66
C SER C 30 28.31 14.96 7.44
N PHE C 31 27.78 15.56 6.38
CA PHE C 31 27.60 14.86 5.12
C PHE C 31 27.37 15.90 4.02
N SER C 32 27.34 15.42 2.78
CA SER C 32 27.12 16.27 1.62
C SER C 32 26.15 15.58 0.67
N ILE C 33 25.33 16.39 0.00
CA ILE C 33 24.31 15.90 -0.92
C ILE C 33 24.48 16.62 -2.25
N SER C 34 24.53 15.85 -3.33
CA SER C 34 24.60 16.42 -4.67
C SER C 34 23.24 16.98 -5.09
N PRO C 35 23.22 17.98 -5.97
CA PRO C 35 21.94 18.56 -6.38
C PRO C 35 21.10 17.57 -7.19
N GLY C 36 19.81 17.53 -6.87
CA GLY C 36 18.89 16.65 -7.56
C GLY C 36 18.93 15.21 -7.15
N GLN C 37 19.73 14.86 -6.14
CA GLN C 37 19.88 13.47 -5.72
C GLN C 37 18.70 13.02 -4.88
N ARG C 38 18.49 11.70 -4.87
CA ARG C 38 17.50 11.06 -4.02
C ARG C 38 18.24 10.47 -2.81
N VAL C 39 18.02 11.04 -1.63
CA VAL C 39 18.72 10.65 -0.43
C VAL C 39 17.76 9.92 0.49
N GLY C 40 18.12 8.71 0.89
CA GLY C 40 17.31 7.93 1.81
C GLY C 40 17.86 7.94 3.22
N LEU C 41 17.15 8.58 4.14
CA LEU C 41 17.56 8.66 5.54
C LEU C 41 16.94 7.47 6.29
N LEU C 42 17.76 6.47 6.59
CA LEU C 42 17.31 5.25 7.22
C LEU C 42 17.59 5.30 8.72
N GLY C 43 16.61 4.89 9.52
CA GLY C 43 16.76 4.83 10.95
C GLY C 43 15.56 4.23 11.65
N ARG C 44 15.79 3.49 12.73
CA ARG C 44 14.71 2.91 13.50
C ARG C 44 13.91 4.01 14.20
N THR C 45 12.81 3.60 14.82
CA THR C 45 11.96 4.56 15.54
C THR C 45 12.71 5.14 16.73
N GLY C 46 12.62 6.45 16.89
CA GLY C 46 13.31 7.14 17.94
C GLY C 46 14.77 7.40 17.69
N SER C 47 15.25 7.20 16.46
CA SER C 47 16.66 7.41 16.15
C SER C 47 16.98 8.86 15.78
N GLY C 48 15.98 9.65 15.39
CA GLY C 48 16.21 11.05 15.10
C GLY C 48 15.95 11.43 13.65
N LYS C 49 15.11 10.65 12.96
CA LYS C 49 14.75 10.99 11.59
C LYS C 49 13.97 12.29 11.53
N SER C 50 12.92 12.40 12.36
CA SER C 50 12.16 13.63 12.42
C SER C 50 13.00 14.77 13.01
N THR C 51 13.95 14.44 13.88
CA THR C 51 14.79 15.47 14.48
C THR C 51 15.72 16.11 13.46
N LEU C 52 16.29 15.30 12.56
CA LEU C 52 17.20 15.85 11.55
C LEU C 52 16.47 16.79 10.59
N LEU C 53 15.22 16.48 10.27
CA LEU C 53 14.45 17.37 9.39
C LEU C 53 14.16 18.71 10.06
N LEU C 54 13.76 18.66 11.33
CA LEU C 54 13.53 19.91 12.07
C LEU C 54 14.82 20.71 12.22
N ALA C 55 15.97 20.03 12.23
CA ALA C 55 17.24 20.74 12.29
C ALA C 55 17.54 21.47 11.00
N PHE C 56 17.05 20.96 9.87
CA PHE C 56 17.24 21.65 8.59
C PHE C 56 16.44 22.95 8.53
N LEU C 57 15.31 23.00 9.23
CA LEU C 57 14.41 24.14 9.19
C LEU C 57 14.59 25.08 10.37
N ARG C 58 15.62 24.87 11.20
CA ARG C 58 15.89 25.70 12.37
C ARG C 58 14.70 25.72 13.34
N LEU C 59 13.99 24.61 13.44
CA LEU C 59 12.85 24.49 14.34
C LEU C 59 13.25 23.95 15.72
N LEU C 60 14.54 23.86 16.00
CA LEU C 60 15.04 23.51 17.32
C LEU C 60 16.43 24.11 17.48
N ASN C 61 17.05 23.84 18.62
CA ASN C 61 18.40 24.35 18.87
C ASN C 61 19.41 23.58 18.04
N THR C 62 20.17 24.29 17.21
CA THR C 62 21.09 23.69 16.26
C THR C 62 22.49 24.23 16.49
N GLU C 63 23.48 23.33 16.49
CA GLU C 63 24.88 23.67 16.44
C GLU C 63 25.46 23.29 15.10
N GLY C 64 26.51 23.98 14.69
CA GLY C 64 27.13 23.71 13.41
C GLY C 64 26.57 24.58 12.30
N GLU C 65 26.90 24.19 11.07
CA GLU C 65 26.55 24.96 9.89
C GLU C 65 26.01 24.05 8.80
N ILE C 66 24.96 24.52 8.11
CA ILE C 66 24.43 23.88 6.93
C ILE C 66 24.43 24.89 5.80
N GLN C 67 24.83 24.45 4.61
CA GLN C 67 24.92 25.30 3.43
C GLN C 67 24.15 24.68 2.28
N ILE C 68 23.41 25.51 1.55
CA ILE C 68 22.65 25.09 0.38
C ILE C 68 23.16 25.87 -0.82
N ASP C 69 23.74 25.16 -1.79
CA ASP C 69 24.29 25.76 -3.01
C ASP C 69 25.32 26.85 -2.69
N GLY C 70 26.09 26.65 -1.62
CA GLY C 70 27.10 27.59 -1.22
C GLY C 70 26.65 28.71 -0.33
N VAL C 71 25.37 28.74 0.05
CA VAL C 71 24.82 29.81 0.88
C VAL C 71 24.52 29.21 2.25
N SER C 72 25.26 29.69 3.26
CA SER C 72 25.04 29.24 4.63
C SER C 72 23.74 29.83 5.17
N TRP C 73 23.14 29.12 6.13
CA TRP C 73 21.92 29.63 6.77
C TRP C 73 22.19 30.83 7.66
N ASP C 74 23.45 31.15 7.94
CA ASP C 74 23.81 32.35 8.68
C ASP C 74 24.03 33.55 7.75
N SER C 75 23.88 33.36 6.44
CA SER C 75 24.11 34.42 5.47
C SER C 75 22.83 34.90 4.80
N ILE C 76 21.67 34.44 5.26
CA ILE C 76 20.38 34.86 4.73
C ILE C 76 19.38 34.91 5.88
N THR C 77 18.20 35.44 5.58
CA THR C 77 17.14 35.52 6.58
C THR C 77 16.59 34.12 6.87
N LEU C 78 16.14 33.93 8.10
CA LEU C 78 15.54 32.66 8.49
C LEU C 78 14.31 32.33 7.65
N GLU C 79 13.54 33.35 7.27
CA GLU C 79 12.33 33.11 6.48
C GLU C 79 12.66 32.58 5.09
N GLN C 80 13.62 33.24 4.41
CA GLN C 80 13.99 32.82 3.06
C GLN C 80 14.83 31.55 3.05
N TRP C 81 15.30 31.08 4.21
CA TRP C 81 15.98 29.80 4.27
C TRP C 81 14.98 28.64 4.27
N ARG C 82 13.86 28.79 4.97
CA ARG C 82 12.84 27.76 5.00
C ARG C 82 12.05 27.67 3.70
N LYS C 83 12.00 28.75 2.92
CA LYS C 83 11.29 28.73 1.65
C LYS C 83 12.03 27.91 0.59
N ALA C 84 13.23 27.42 0.89
CA ALA C 84 13.96 26.53 -0.01
C ALA C 84 13.59 25.07 0.18
N PHE C 85 12.77 24.75 1.18
CA PHE C 85 12.41 23.38 1.50
C PHE C 85 10.94 23.11 1.22
N GLY C 86 10.64 21.84 0.94
CA GLY C 86 9.27 21.35 0.89
C GLY C 86 9.12 20.19 1.85
N VAL C 87 8.13 20.25 2.73
CA VAL C 87 7.98 19.28 3.82
C VAL C 87 6.63 18.61 3.70
N ILE C 88 6.63 17.29 3.54
CA ILE C 88 5.42 16.47 3.54
C ILE C 88 5.74 15.19 4.29
N PRO C 89 4.91 14.76 5.27
CA PRO C 89 3.67 15.40 5.73
C PRO C 89 3.93 16.61 6.62
N GLN C 90 2.96 17.53 6.66
CA GLN C 90 3.08 18.76 7.40
C GLN C 90 1.77 19.05 8.12
N ASP C 91 1.84 19.96 9.09
CA ASP C 91 0.66 20.64 9.61
C ASP C 91 0.44 21.86 8.71
N VAL C 92 -0.21 21.61 7.57
CA VAL C 92 -0.27 22.60 6.50
C VAL C 92 -0.97 23.85 6.99
N PHE C 93 -0.30 25.00 6.82
CA PHE C 93 -0.85 26.29 7.22
C PHE C 93 -1.68 26.84 6.07
N ILE C 94 -2.99 26.94 6.27
CA ILE C 94 -3.90 27.44 5.25
C ILE C 94 -4.09 28.93 5.47
N PHE C 95 -3.82 29.72 4.43
CA PHE C 95 -4.03 31.16 4.51
C PHE C 95 -5.51 31.48 4.70
N SER C 96 -5.77 32.64 5.28
CA SER C 96 -7.13 33.13 5.46
C SER C 96 -7.62 33.89 4.24
N GLY C 97 -7.45 33.28 3.07
CA GLY C 97 -7.82 33.91 1.81
C GLY C 97 -8.28 32.87 0.81
N THR C 98 -8.07 33.16 -0.47
CA THR C 98 -8.56 32.32 -1.55
C THR C 98 -7.63 31.13 -1.78
N PHE C 99 -8.07 30.23 -2.66
CA PHE C 99 -7.19 29.15 -3.12
C PHE C 99 -5.99 29.71 -3.87
N ARG C 100 -6.22 30.75 -4.68
CA ARG C 100 -5.13 31.35 -5.45
C ARG C 100 -4.05 31.90 -4.53
N LYS C 101 -4.44 32.51 -3.41
CA LYS C 101 -3.46 33.01 -2.46
C LYS C 101 -2.75 31.87 -1.75
N ASN C 102 -3.47 30.79 -1.43
CA ASN C 102 -2.85 29.67 -0.75
C ASN C 102 -1.85 28.94 -1.64
N LEU C 103 -2.18 28.79 -2.92
CA LEU C 103 -1.29 28.10 -3.84
C LEU C 103 -0.14 28.99 -4.30
N ASP C 104 -0.38 30.28 -4.45
CA ASP C 104 0.64 31.24 -4.88
C ASP C 104 0.59 32.45 -3.97
N PRO C 105 1.27 32.37 -2.82
CA PRO C 105 1.27 33.54 -1.91
C PRO C 105 1.98 34.75 -2.50
N ASN C 106 3.07 34.54 -3.25
CA ASN C 106 3.84 35.64 -3.82
C ASN C 106 3.20 36.25 -5.05
N GLU C 107 2.12 35.64 -5.56
CA GLU C 107 1.38 36.17 -6.71
C GLU C 107 2.30 36.32 -7.94
N GLN C 108 3.06 35.26 -8.21
CA GLN C 108 4.02 35.26 -9.32
C GLN C 108 3.56 34.36 -10.47
N TRP C 109 2.35 33.82 -10.42
CA TRP C 109 1.84 32.93 -11.45
C TRP C 109 0.44 33.36 -11.85
N SER C 110 0.07 33.02 -13.08
CA SER C 110 -1.28 33.29 -13.58
C SER C 110 -2.21 32.12 -13.25
N ASP C 111 -3.50 32.35 -13.44
CA ASP C 111 -4.49 31.33 -13.11
C ASP C 111 -4.35 30.10 -13.99
N GLN C 112 -3.98 30.29 -15.27
CA GLN C 112 -3.80 29.15 -16.15
C GLN C 112 -2.66 28.26 -15.69
N GLU C 113 -1.57 28.87 -15.20
CA GLU C 113 -0.44 28.08 -14.72
C GLU C 113 -0.74 27.45 -13.37
N ILE C 114 -1.50 28.16 -12.52
CA ILE C 114 -1.86 27.61 -11.21
C ILE C 114 -2.79 26.42 -11.38
N TRP C 115 -3.75 26.51 -12.31
CA TRP C 115 -4.67 25.41 -12.53
C TRP C 115 -3.94 24.17 -13.02
N LYS C 116 -3.02 24.34 -13.97
CA LYS C 116 -2.32 23.18 -14.53
C LYS C 116 -1.41 22.52 -13.50
N VAL C 117 -0.85 23.30 -12.58
CA VAL C 117 -0.13 22.70 -11.45
C VAL C 117 -1.11 22.01 -10.52
N ALA C 118 -2.29 22.61 -10.31
CA ALA C 118 -3.35 21.95 -9.56
C ALA C 118 -3.88 20.72 -10.28
N ASP C 119 -3.75 20.66 -11.61
CA ASP C 119 -4.12 19.46 -12.34
C ASP C 119 -3.12 18.34 -12.10
N GLU C 120 -1.84 18.68 -12.01
CA GLU C 120 -0.81 17.66 -11.78
C GLU C 120 -0.96 17.03 -10.40
N VAL C 121 -1.29 17.83 -9.39
CA VAL C 121 -1.44 17.33 -8.02
C VAL C 121 -2.83 16.77 -7.76
N GLY C 122 -3.71 16.76 -8.77
CA GLY C 122 -5.02 16.16 -8.61
C GLY C 122 -5.99 16.97 -7.80
N LEU C 123 -5.87 18.30 -7.81
CA LEU C 123 -6.77 19.17 -7.06
C LEU C 123 -7.85 19.81 -7.93
N ARG C 124 -7.81 19.58 -9.25
CA ARG C 124 -8.80 20.19 -10.14
C ARG C 124 -10.21 19.77 -9.75
N SER C 125 -10.39 18.52 -9.33
CA SER C 125 -11.71 18.07 -8.89
C SER C 125 -12.09 18.65 -7.54
N VAL C 126 -11.13 19.19 -6.79
CA VAL C 126 -11.40 19.75 -5.47
C VAL C 126 -11.74 21.23 -5.55
N ILE C 127 -11.03 21.97 -6.40
CA ILE C 127 -11.23 23.43 -6.48
C ILE C 127 -12.57 23.74 -7.12
N GLU C 128 -12.97 22.96 -8.12
CA GLU C 128 -14.17 23.28 -8.89
C GLU C 128 -15.45 23.08 -8.07
N GLN C 129 -15.41 22.20 -7.07
CA GLN C 129 -16.58 21.98 -6.24
C GLN C 129 -16.94 23.19 -5.39
N PHE C 130 -16.01 24.12 -5.22
CA PHE C 130 -16.31 25.33 -4.46
C PHE C 130 -16.73 26.45 -5.41
N PRO C 131 -17.74 27.24 -5.02
CA PRO C 131 -18.21 28.33 -5.90
C PRO C 131 -17.13 29.40 -6.06
N GLY C 132 -16.74 29.63 -7.31
CA GLY C 132 -15.70 30.59 -7.62
C GLY C 132 -14.35 29.99 -7.96
N GLY C 133 -14.16 28.70 -7.71
CA GLY C 133 -12.90 28.04 -8.01
C GLY C 133 -11.74 28.61 -7.20
N LEU C 134 -10.79 29.23 -7.90
CA LEU C 134 -9.65 29.84 -7.22
C LEU C 134 -10.06 30.99 -6.32
N ASP C 135 -11.27 31.53 -6.50
CA ASP C 135 -11.73 32.69 -5.75
C ASP C 135 -12.46 32.32 -4.47
N PHE C 136 -12.62 31.03 -4.17
CA PHE C 136 -13.25 30.63 -2.93
C PHE C 136 -12.29 30.86 -1.77
N VAL C 137 -12.76 31.56 -0.75
CA VAL C 137 -11.92 31.95 0.38
C VAL C 137 -11.91 30.83 1.42
N LEU C 138 -10.72 30.41 1.82
CA LEU C 138 -10.55 29.38 2.84
C LEU C 138 -10.31 30.07 4.18
N VAL C 139 -11.33 30.06 5.04
CA VAL C 139 -11.22 30.61 6.38
C VAL C 139 -11.25 29.47 7.38
N ASP C 140 -11.00 29.81 8.65
CA ASP C 140 -10.98 28.84 9.74
C ASP C 140 -9.97 27.72 9.48
N GLY C 141 -8.78 28.12 9.04
CA GLY C 141 -7.72 27.18 8.76
C GLY C 141 -8.02 26.19 7.66
N GLY C 142 -8.91 26.54 6.73
CA GLY C 142 -9.28 25.62 5.68
C GLY C 142 -10.02 24.39 6.18
N CYS C 143 -10.92 24.56 7.14
CA CYS C 143 -11.66 23.43 7.69
C CYS C 143 -12.54 22.75 6.65
N VAL C 144 -12.91 23.46 5.59
CA VAL C 144 -13.73 22.87 4.53
C VAL C 144 -12.95 21.88 3.68
N LEU C 145 -11.65 21.80 3.87
CA LEU C 145 -10.80 20.85 3.13
C LEU C 145 -10.45 19.66 4.02
N SER C 146 -10.41 18.48 3.41
CA SER C 146 -9.99 17.29 4.14
C SER C 146 -8.48 17.31 4.35
N HIS C 147 -8.00 16.40 5.20
CA HIS C 147 -6.57 16.35 5.51
C HIS C 147 -5.75 15.97 4.28
N GLY C 148 -6.26 15.06 3.45
CA GLY C 148 -5.53 14.66 2.27
C GLY C 148 -5.38 15.78 1.26
N HIS C 149 -6.44 16.57 1.07
CA HIS C 149 -6.38 17.68 0.13
C HIS C 149 -5.42 18.76 0.60
N LYS C 150 -5.27 18.93 1.93
CA LYS C 150 -4.31 19.91 2.44
C LYS C 150 -2.88 19.52 2.06
N GLN C 151 -2.59 18.22 2.04
CA GLN C 151 -1.25 17.77 1.64
C GLN C 151 -0.99 18.10 0.18
N LEU C 152 -1.99 17.93 -0.68
CA LEU C 152 -1.84 18.32 -2.08
C LEU C 152 -1.74 19.84 -2.22
N MET C 153 -2.39 20.59 -1.34
CA MET C 153 -2.23 22.03 -1.32
C MET C 153 -0.78 22.41 -1.02
N CYS C 154 -0.18 21.76 -0.02
CA CYS C 154 1.21 22.03 0.33
C CYS C 154 2.14 21.58 -0.79
N LEU C 155 1.82 20.47 -1.45
CA LEU C 155 2.64 20.00 -2.57
C LEU C 155 2.60 21.00 -3.72
N ALA C 156 1.40 21.41 -4.13
CA ALA C 156 1.29 22.38 -5.21
C ALA C 156 1.86 23.73 -4.82
N ARG C 157 1.88 24.04 -3.52
CA ARG C 157 2.47 25.30 -3.08
C ARG C 157 3.99 25.29 -3.23
N ALA C 158 4.63 24.18 -2.86
CA ALA C 158 6.08 24.09 -2.98
C ALA C 158 6.52 24.05 -4.44
N VAL C 159 5.69 23.48 -5.33
CA VAL C 159 6.03 23.45 -6.75
C VAL C 159 6.07 24.86 -7.32
N LEU C 160 5.12 25.70 -6.93
CA LEU C 160 5.09 27.09 -7.40
C LEU C 160 6.04 28.00 -6.64
N SER C 161 6.63 27.53 -5.53
CA SER C 161 7.56 28.33 -4.74
C SER C 161 9.01 28.08 -5.09
N LYS C 162 9.29 27.23 -6.09
CA LYS C 162 10.64 27.00 -6.59
C LYS C 162 11.57 26.44 -5.50
N ALA C 163 11.06 25.49 -4.73
CA ALA C 163 11.89 24.79 -3.76
C ALA C 163 12.73 23.73 -4.45
N LYS C 164 13.89 23.43 -3.88
CA LYS C 164 14.83 22.50 -4.47
C LYS C 164 15.16 21.32 -3.57
N ILE C 165 14.80 21.35 -2.29
CA ILE C 165 15.05 20.25 -1.37
C ILE C 165 13.71 19.83 -0.78
N LEU C 166 13.29 18.61 -1.10
CA LEU C 166 12.02 18.08 -0.61
C LEU C 166 12.29 17.11 0.54
N LEU C 167 11.64 17.34 1.67
CA LEU C 167 11.78 16.51 2.86
C LEU C 167 10.53 15.66 3.03
N LEU C 168 10.72 14.34 3.04
CA LEU C 168 9.62 13.39 3.19
C LEU C 168 9.86 12.56 4.44
N ASP C 169 8.98 12.71 5.43
CA ASP C 169 9.11 12.01 6.71
C ASP C 169 8.16 10.83 6.71
N GLU C 170 8.69 9.66 6.36
CA GLU C 170 7.93 8.41 6.33
C GLU C 170 6.61 8.52 5.55
N PRO C 171 6.66 8.86 4.26
CA PRO C 171 5.42 8.98 3.49
C PRO C 171 4.79 7.63 3.13
N SER C 172 5.53 6.53 3.25
CA SER C 172 4.95 5.22 2.97
C SER C 172 3.98 4.78 4.06
N ALA C 173 4.09 5.33 5.26
CA ALA C 173 3.20 4.98 6.36
C ALA C 173 2.35 6.14 6.87
N HIS C 174 2.87 7.36 6.86
CA HIS C 174 2.19 8.51 7.42
C HIS C 174 1.47 9.35 6.38
N LEU C 175 1.15 8.76 5.22
CA LEU C 175 0.38 9.42 4.19
C LEU C 175 -0.56 8.42 3.54
N ASP C 176 -1.65 8.93 2.99
CA ASP C 176 -2.53 8.10 2.18
C ASP C 176 -1.75 7.62 0.96
N PRO C 177 -1.83 6.34 0.59
CA PRO C 177 -1.08 5.87 -0.58
C PRO C 177 -1.41 6.63 -1.85
N VAL C 178 -2.64 7.11 -1.99
CA VAL C 178 -2.99 7.92 -3.16
C VAL C 178 -2.17 9.21 -3.17
N THR C 179 -1.99 9.82 -2.00
CA THR C 179 -1.20 11.04 -1.92
C THR C 179 0.27 10.76 -2.25
N TYR C 180 0.79 9.62 -1.81
CA TYR C 180 2.19 9.29 -2.07
C TYR C 180 2.44 9.07 -3.56
N GLN C 181 1.48 8.44 -4.25
CA GLN C 181 1.63 8.23 -5.69
C GLN C 181 1.72 9.56 -6.42
N ILE C 182 0.96 10.56 -5.99
CA ILE C 182 1.02 11.87 -6.62
C ILE C 182 2.35 12.54 -6.35
N ILE C 183 2.90 12.36 -5.15
CA ILE C 183 4.17 12.96 -4.80
C ILE C 183 5.30 12.34 -5.63
N ARG C 184 5.31 11.00 -5.71
CA ARG C 184 6.34 10.34 -6.51
C ARG C 184 6.21 10.67 -7.99
N ARG C 185 4.99 10.97 -8.45
CA ARG C 185 4.82 11.40 -9.84
C ARG C 185 5.37 12.82 -10.04
N THR C 186 5.14 13.70 -9.06
CA THR C 186 5.70 15.05 -9.15
C THR C 186 7.23 15.01 -9.13
N LEU C 187 7.82 14.01 -8.48
CA LEU C 187 9.27 13.86 -8.47
C LEU C 187 9.85 13.51 -9.83
N LYS C 188 9.01 13.10 -10.78
CA LYS C 188 9.44 12.85 -12.15
C LYS C 188 9.07 13.98 -13.09
N GLN C 189 8.39 15.01 -12.60
CA GLN C 189 7.95 16.11 -13.45
C GLN C 189 8.57 17.40 -12.91
N ALA C 190 7.80 18.21 -12.17
CA ALA C 190 8.31 19.51 -11.74
C ALA C 190 9.44 19.37 -10.72
N PHE C 191 9.44 18.29 -9.94
CA PHE C 191 10.48 18.03 -8.95
C PHE C 191 11.52 17.03 -9.45
N ALA C 192 11.71 16.96 -10.77
CA ALA C 192 12.69 16.01 -11.31
C ALA C 192 14.12 16.47 -11.01
N ASP C 193 14.36 17.79 -11.06
CA ASP C 193 15.68 18.35 -10.82
C ASP C 193 15.83 18.86 -9.38
N CYS C 194 15.05 18.32 -8.44
CA CYS C 194 15.08 18.77 -7.06
C CYS C 194 15.59 17.66 -6.15
N THR C 195 16.27 18.07 -5.09
CA THR C 195 16.81 17.12 -4.12
C THR C 195 15.70 16.58 -3.23
N VAL C 196 15.72 15.27 -2.99
CA VAL C 196 14.73 14.60 -2.16
C VAL C 196 15.46 13.94 -1.00
N ILE C 197 14.99 14.20 0.22
CA ILE C 197 15.49 13.54 1.42
C ILE C 197 14.35 12.68 1.95
N LEU C 198 14.45 11.37 1.75
CA LEU C 198 13.38 10.43 2.04
C LEU C 198 13.71 9.69 3.33
N CYS C 199 12.93 9.95 4.38
CA CYS C 199 13.14 9.31 5.68
C CYS C 199 12.18 8.13 5.82
N GLU C 200 12.73 6.95 6.07
CA GLU C 200 11.94 5.75 6.29
C GLU C 200 12.60 4.90 7.38
N ALA C 201 11.79 4.06 8.00
CA ALA C 201 12.29 3.16 9.05
C ALA C 201 12.80 1.83 8.50
N ARG C 202 12.55 1.53 7.23
CA ARG C 202 13.02 0.31 6.59
C ARG C 202 13.60 0.64 5.23
N ILE C 203 14.54 -0.20 4.78
CA ILE C 203 15.24 0.08 3.53
C ILE C 203 14.34 -0.20 2.34
N GLU C 204 13.34 -1.08 2.50
CA GLU C 204 12.48 -1.44 1.36
C GLU C 204 11.65 -0.26 0.87
N ALA C 205 11.50 0.79 1.66
CA ALA C 205 10.74 1.97 1.27
C ALA C 205 11.63 3.06 0.69
N MET C 206 12.89 2.75 0.39
CA MET C 206 13.79 3.74 -0.19
C MET C 206 14.78 3.06 -1.14
N LEU C 207 14.29 2.04 -1.86
CA LEU C 207 15.18 1.23 -2.68
C LEU C 207 15.73 1.97 -3.90
N GLU C 208 15.11 3.09 -4.28
CA GLU C 208 15.49 3.81 -5.50
C GLU C 208 16.30 5.07 -5.21
N CYS C 209 16.80 5.23 -3.99
CA CYS C 209 17.55 6.43 -3.65
C CYS C 209 18.99 6.33 -4.16
N ASP C 210 19.57 7.50 -4.46
CA ASP C 210 20.92 7.55 -5.01
C ASP C 210 21.96 7.24 -3.94
N GLN C 211 21.92 7.97 -2.83
CA GLN C 211 22.75 7.71 -1.67
C GLN C 211 21.88 7.47 -0.44
N PHE C 212 22.53 7.12 0.67
CA PHE C 212 21.82 6.75 1.89
C PHE C 212 22.55 7.28 3.10
N LEU C 213 21.77 7.70 4.11
CA LEU C 213 22.29 8.11 5.40
C LEU C 213 21.59 7.28 6.46
N VAL C 214 22.37 6.47 7.17
CA VAL C 214 21.86 5.55 8.19
C VAL C 214 22.17 6.11 9.57
N ILE C 215 21.18 6.05 10.47
CA ILE C 215 21.31 6.57 11.82
C ILE C 215 21.29 5.39 12.79
N GLU C 216 22.43 5.13 13.42
CA GLU C 216 22.55 4.15 14.48
C GLU C 216 23.19 4.82 15.69
N GLU C 217 22.70 4.47 16.88
CA GLU C 217 23.12 5.11 18.12
C GLU C 217 22.92 6.62 18.04
N ASN C 218 24.01 7.36 17.81
CA ASN C 218 23.92 8.80 17.62
C ASN C 218 24.79 9.30 16.48
N LYS C 219 25.35 8.41 15.67
CA LYS C 219 26.18 8.78 14.53
C LYS C 219 25.45 8.46 13.23
N VAL C 220 26.01 8.96 12.13
CA VAL C 220 25.45 8.76 10.79
C VAL C 220 26.55 8.26 9.88
N ARG C 221 26.29 7.13 9.20
CA ARG C 221 27.21 6.56 8.24
C ARG C 221 26.59 6.60 6.85
N GLN C 222 27.43 6.83 5.85
CA GLN C 222 26.99 7.15 4.50
C GLN C 222 27.18 5.97 3.57
N TYR C 223 26.21 5.75 2.69
CA TYR C 223 26.25 4.70 1.68
C TYR C 223 25.82 5.28 0.35
N ASP C 224 26.62 5.04 -0.70
CA ASP C 224 26.28 5.47 -2.05
C ASP C 224 25.93 4.29 -2.95
N SER C 225 25.51 3.17 -2.36
CA SER C 225 25.08 2.01 -3.12
C SER C 225 24.12 1.22 -2.24
N ILE C 226 22.96 0.86 -2.81
CA ILE C 226 21.97 0.12 -2.03
C ILE C 226 22.43 -1.32 -1.79
N GLN C 227 23.29 -1.84 -2.67
CA GLN C 227 23.79 -3.20 -2.50
C GLN C 227 24.60 -3.30 -1.22
N LYS C 228 24.04 -3.96 -0.21
CA LYS C 228 24.65 -4.00 1.11
C LYS C 228 24.79 -5.45 1.57
N LEU C 229 24.86 -5.63 2.88
CA LEU C 229 24.99 -6.94 3.50
C LEU C 229 23.81 -7.86 3.16
N TRP D 3 23.57 -19.18 -21.02
CA TRP D 3 22.34 -18.59 -21.55
C TRP D 3 21.19 -18.77 -20.57
N PRO D 4 20.46 -17.68 -20.27
CA PRO D 4 20.68 -16.33 -20.79
C PRO D 4 21.85 -15.61 -20.09
N SER D 5 22.55 -14.76 -20.83
CA SER D 5 23.71 -14.07 -20.30
C SER D 5 23.38 -12.72 -19.69
N GLY D 6 22.41 -12.00 -20.25
CA GLY D 6 22.08 -10.67 -19.75
C GLY D 6 20.59 -10.38 -19.75
N GLY D 7 19.86 -11.00 -20.65
CA GLY D 7 18.44 -10.76 -20.78
C GLY D 7 18.02 -9.82 -21.88
N GLN D 8 18.87 -9.60 -22.89
CA GLN D 8 18.47 -8.80 -24.03
C GLN D 8 17.33 -9.47 -24.77
N MET D 9 16.28 -8.71 -25.04
CA MET D 9 15.06 -9.26 -25.64
C MET D 9 14.71 -8.46 -26.89
N THR D 10 14.38 -9.17 -27.97
CA THR D 10 14.03 -8.54 -29.24
C THR D 10 12.80 -9.23 -29.80
N VAL D 11 11.74 -8.47 -30.03
CA VAL D 11 10.47 -8.98 -30.54
C VAL D 11 10.25 -8.41 -31.93
N LYS D 12 9.86 -9.27 -32.88
CA LYS D 12 9.68 -8.88 -34.26
C LYS D 12 8.33 -9.38 -34.75
N ASP D 13 7.38 -8.45 -34.95
CA ASP D 13 6.07 -8.73 -35.51
C ASP D 13 5.36 -9.86 -34.76
N LEU D 14 5.10 -9.61 -33.49
CA LEU D 14 4.45 -10.60 -32.63
C LEU D 14 2.94 -10.46 -32.73
N THR D 15 2.25 -11.58 -32.87
CA THR D 15 0.80 -11.63 -32.91
C THR D 15 0.31 -12.72 -31.97
N ALA D 16 -0.62 -12.38 -31.09
CA ALA D 16 -1.10 -13.29 -30.05
C ALA D 16 -2.60 -13.51 -30.19
N LYS D 17 -3.02 -14.76 -30.01
CA LYS D 17 -4.42 -15.12 -30.01
C LYS D 17 -4.60 -16.39 -29.19
N TYR D 18 -5.78 -16.54 -28.60
CA TYR D 18 -6.03 -17.64 -27.68
C TYR D 18 -6.56 -18.90 -28.35
N THR D 19 -7.13 -18.79 -29.55
CA THR D 19 -7.64 -19.94 -30.28
C THR D 19 -6.96 -20.01 -31.65
N GLU D 20 -7.47 -20.90 -32.51
CA GLU D 20 -6.86 -21.12 -33.82
C GLU D 20 -7.04 -19.90 -34.71
N GLY D 21 -8.29 -19.48 -34.93
CA GLY D 21 -8.56 -18.35 -35.80
C GLY D 21 -9.29 -17.22 -35.09
N GLY D 22 -9.04 -17.07 -33.79
CA GLY D 22 -9.69 -16.03 -33.02
C GLY D 22 -9.09 -14.66 -33.30
N ASN D 23 -9.64 -13.67 -32.60
CA ASN D 23 -9.19 -12.29 -32.77
C ASN D 23 -7.77 -12.13 -32.23
N ALA D 24 -6.97 -11.34 -32.95
CA ALA D 24 -5.61 -11.05 -32.53
C ALA D 24 -5.64 -9.94 -31.50
N ILE D 25 -5.41 -10.30 -30.22
CA ILE D 25 -5.40 -9.30 -29.17
C ILE D 25 -4.27 -8.30 -29.40
N LEU D 26 -3.09 -8.80 -29.76
CA LEU D 26 -1.97 -7.97 -30.20
C LEU D 26 -1.54 -8.44 -31.58
N GLU D 27 -1.39 -7.50 -32.51
CA GLU D 27 -1.14 -7.82 -33.91
C GLU D 27 0.09 -7.07 -34.39
N ASN D 28 1.11 -7.82 -34.81
CA ASN D 28 2.34 -7.27 -35.37
C ASN D 28 3.01 -6.29 -34.41
N ILE D 29 3.40 -6.82 -33.26
CA ILE D 29 4.05 -6.05 -32.21
C ILE D 29 5.56 -6.27 -32.31
N SER D 30 6.31 -5.17 -32.28
CA SER D 30 7.76 -5.23 -32.41
C SER D 30 8.41 -4.22 -31.48
N PHE D 31 9.37 -4.67 -30.69
CA PHE D 31 10.10 -3.79 -29.80
C PHE D 31 11.40 -4.48 -29.39
N SER D 32 12.25 -3.74 -28.69
CA SER D 32 13.54 -4.24 -28.25
C SER D 32 13.78 -3.82 -26.80
N ILE D 33 14.39 -4.72 -26.03
CA ILE D 33 14.68 -4.48 -24.62
C ILE D 33 16.17 -4.71 -24.39
N SER D 34 16.81 -3.75 -23.72
CA SER D 34 18.23 -3.85 -23.40
C SER D 34 18.43 -4.76 -22.19
N PRO D 35 19.64 -5.31 -22.04
CA PRO D 35 19.90 -6.19 -20.89
C PRO D 35 19.77 -5.45 -19.56
N GLY D 36 19.12 -6.10 -18.61
CA GLY D 36 18.97 -5.56 -17.27
C GLY D 36 18.08 -4.35 -17.15
N GLN D 37 17.37 -3.98 -18.22
CA GLN D 37 16.51 -2.81 -18.17
C GLN D 37 15.23 -3.10 -17.40
N ARG D 38 14.68 -2.05 -16.79
CA ARG D 38 13.36 -2.09 -16.17
C ARG D 38 12.37 -1.55 -17.20
N VAL D 39 11.47 -2.41 -17.67
CA VAL D 39 10.50 -2.07 -18.70
C VAL D 39 9.12 -2.00 -18.07
N GLY D 40 8.41 -0.90 -18.32
CA GLY D 40 7.05 -0.75 -17.83
C GLY D 40 6.04 -0.97 -18.92
N LEU D 41 5.31 -2.10 -18.85
CA LEU D 41 4.27 -2.41 -19.83
C LEU D 41 2.97 -1.81 -19.34
N LEU D 42 2.60 -0.66 -19.89
CA LEU D 42 1.42 0.08 -19.48
C LEU D 42 0.24 -0.26 -20.38
N GLY D 43 -0.93 -0.43 -19.76
CA GLY D 43 -2.13 -0.72 -20.51
C GLY D 43 -3.36 -0.80 -19.62
N ARG D 44 -4.45 -0.18 -20.05
CA ARG D 44 -5.67 -0.25 -19.27
CA ARG D 44 -5.71 -0.24 -19.32
C ARG D 44 -6.24 -1.67 -19.30
N THR D 45 -7.30 -1.87 -18.51
CA THR D 45 -7.89 -3.20 -18.40
C THR D 45 -8.42 -3.65 -19.75
N GLY D 46 -8.17 -4.91 -20.08
CA GLY D 46 -8.58 -5.47 -21.35
C GLY D 46 -7.68 -5.16 -22.52
N SER D 47 -6.59 -4.41 -22.32
CA SER D 47 -5.71 -4.06 -23.43
C SER D 47 -4.81 -5.22 -23.83
N GLY D 48 -4.48 -6.12 -22.91
CA GLY D 48 -3.71 -7.30 -23.23
C GLY D 48 -2.39 -7.43 -22.50
N LYS D 49 -2.31 -6.88 -21.28
CA LYS D 49 -1.09 -7.00 -20.50
C LYS D 49 -0.76 -8.46 -20.21
N SER D 50 -1.71 -9.18 -19.63
CA SER D 50 -1.49 -10.60 -19.36
C SER D 50 -1.32 -11.40 -20.64
N THR D 51 -1.95 -10.95 -21.73
CA THR D 51 -1.80 -11.64 -23.01
C THR D 51 -0.35 -11.62 -23.48
N LEU D 52 0.32 -10.47 -23.35
CA LEU D 52 1.70 -10.37 -23.80
C LEU D 52 2.64 -11.23 -22.97
N LEU D 53 2.36 -11.36 -21.67
CA LEU D 53 3.19 -12.23 -20.83
C LEU D 53 3.00 -13.69 -21.20
N LEU D 54 1.77 -14.09 -21.51
CA LEU D 54 1.53 -15.45 -21.97
C LEU D 54 2.15 -15.69 -23.34
N ALA D 55 2.16 -14.67 -24.20
CA ALA D 55 2.82 -14.82 -25.51
C ALA D 55 4.32 -14.98 -25.37
N PHE D 56 4.91 -14.47 -24.29
CA PHE D 56 6.33 -14.67 -24.06
C PHE D 56 6.63 -16.12 -23.69
N LEU D 57 5.76 -16.74 -22.90
CA LEU D 57 5.95 -18.11 -22.45
C LEU D 57 5.42 -19.14 -23.44
N ARG D 58 4.95 -18.71 -24.61
CA ARG D 58 4.38 -19.60 -25.62
C ARG D 58 3.25 -20.43 -25.04
N LEU D 59 2.37 -19.76 -24.29
CA LEU D 59 1.20 -20.41 -23.69
C LEU D 59 -0.07 -20.14 -24.48
N LEU D 60 0.04 -19.48 -25.64
CA LEU D 60 -1.07 -19.31 -26.56
C LEU D 60 -0.52 -19.35 -27.97
N ASN D 61 -1.41 -19.19 -28.96
CA ASN D 61 -0.98 -19.23 -30.36
C ASN D 61 -0.23 -17.95 -30.70
N THR D 62 1.01 -18.10 -31.12
CA THR D 62 1.90 -16.96 -31.38
C THR D 62 2.36 -16.97 -32.84
N GLU D 63 2.39 -15.78 -33.43
CA GLU D 63 3.00 -15.54 -34.73
C GLU D 63 4.11 -14.53 -34.58
N GLY D 64 5.14 -14.68 -35.41
CA GLY D 64 6.33 -13.84 -35.31
C GLY D 64 7.47 -14.54 -34.62
N GLU D 65 8.45 -13.75 -34.21
CA GLU D 65 9.65 -14.29 -33.60
C GLU D 65 10.07 -13.45 -32.41
N ILE D 66 10.55 -14.11 -31.35
CA ILE D 66 11.18 -13.48 -30.20
C ILE D 66 12.57 -14.06 -30.05
N GLN D 67 13.54 -13.19 -29.73
CA GLN D 67 14.90 -13.61 -29.49
C GLN D 67 15.37 -13.10 -28.13
N ILE D 68 16.15 -13.92 -27.43
CA ILE D 68 16.72 -13.56 -26.14
C ILE D 68 18.24 -13.74 -26.24
N ASP D 69 18.98 -12.64 -26.17
CA ASP D 69 20.44 -12.66 -26.26
C ASP D 69 20.91 -13.32 -27.55
N GLY D 70 20.14 -13.14 -28.62
CA GLY D 70 20.46 -13.69 -29.91
C GLY D 70 19.84 -15.05 -30.20
N VAL D 71 19.29 -15.72 -29.20
CA VAL D 71 18.72 -17.05 -29.38
C VAL D 71 17.24 -16.92 -29.68
N SER D 72 16.82 -17.38 -30.86
CA SER D 72 15.41 -17.41 -31.20
C SER D 72 14.70 -18.54 -30.48
N TRP D 73 13.42 -18.34 -30.19
CA TRP D 73 12.63 -19.38 -29.55
C TRP D 73 12.41 -20.59 -30.44
N ASP D 74 12.66 -20.46 -31.75
CA ASP D 74 12.62 -21.58 -32.66
C ASP D 74 13.96 -22.31 -32.76
N SER D 75 14.93 -21.94 -31.93
CA SER D 75 16.26 -22.55 -31.96
C SER D 75 16.60 -23.33 -30.70
N ILE D 76 15.68 -23.44 -29.74
CA ILE D 76 15.89 -24.21 -28.52
C ILE D 76 14.58 -24.92 -28.16
N THR D 77 14.66 -25.81 -27.18
CA THR D 77 13.48 -26.49 -26.69
C THR D 77 12.54 -25.51 -26.00
N LEU D 78 11.23 -25.81 -26.08
CA LEU D 78 10.25 -24.98 -25.39
C LEU D 78 10.48 -24.97 -23.89
N GLU D 79 10.94 -26.08 -23.31
CA GLU D 79 11.14 -26.15 -21.87
C GLU D 79 12.28 -25.26 -21.43
N GLN D 80 13.40 -25.27 -22.15
CA GLN D 80 14.53 -24.43 -21.80
C GLN D 80 14.33 -22.96 -22.19
N TRP D 81 13.31 -22.67 -23.01
CA TRP D 81 12.97 -21.28 -23.29
C TRP D 81 12.28 -20.62 -22.10
N ARG D 82 11.26 -21.29 -21.56
CA ARG D 82 10.54 -20.76 -20.41
C ARG D 82 11.40 -20.71 -19.16
N LYS D 83 12.45 -21.54 -19.09
CA LYS D 83 13.37 -21.51 -17.95
C LYS D 83 14.12 -20.20 -17.85
N ALA D 84 14.17 -19.42 -18.93
CA ALA D 84 14.81 -18.11 -18.91
C ALA D 84 13.98 -17.08 -18.15
N PHE D 85 12.69 -17.34 -17.94
CA PHE D 85 11.78 -16.38 -17.35
C PHE D 85 11.50 -16.71 -15.88
N GLY D 86 11.15 -15.67 -15.13
CA GLY D 86 10.54 -15.83 -13.82
C GLY D 86 9.22 -15.09 -13.81
N VAL D 87 8.14 -15.74 -13.40
CA VAL D 87 6.79 -15.19 -13.51
C VAL D 87 6.22 -15.03 -12.11
N ILE D 88 5.66 -13.85 -11.85
CA ILE D 88 5.01 -13.53 -10.57
C ILE D 88 3.88 -12.53 -10.85
N PRO D 89 2.65 -12.78 -10.38
CA PRO D 89 2.24 -13.97 -9.62
C PRO D 89 1.86 -15.14 -10.52
N GLN D 90 1.77 -16.33 -9.93
CA GLN D 90 1.38 -17.53 -10.64
C GLN D 90 0.35 -18.29 -9.82
N ASP D 91 -0.06 -19.44 -10.34
CA ASP D 91 -0.65 -20.52 -9.56
C ASP D 91 0.50 -21.49 -9.31
N VAL D 92 1.20 -21.28 -8.19
CA VAL D 92 2.51 -21.90 -7.99
C VAL D 92 2.40 -23.42 -8.05
N PHE D 93 3.30 -24.03 -8.81
CA PHE D 93 3.37 -25.49 -8.94
C PHE D 93 4.42 -26.00 -7.96
N ILE D 94 3.96 -26.70 -6.92
CA ILE D 94 4.83 -27.23 -5.88
C ILE D 94 5.16 -28.68 -6.24
N PHE D 95 6.45 -28.99 -6.33
CA PHE D 95 6.88 -30.35 -6.59
C PHE D 95 6.44 -31.27 -5.46
N SER D 96 6.23 -32.54 -5.80
CA SER D 96 5.97 -33.57 -4.80
C SER D 96 7.32 -34.06 -4.26
N GLY D 97 7.99 -33.16 -3.56
CA GLY D 97 9.29 -33.45 -3.00
C GLY D 97 9.62 -32.53 -1.85
N THR D 98 10.87 -32.59 -1.41
CA THR D 98 11.32 -31.79 -0.28
C THR D 98 11.36 -30.31 -0.62
N PHE D 99 11.56 -29.49 0.41
CA PHE D 99 11.79 -28.06 0.18
C PHE D 99 13.02 -27.84 -0.68
N ARG D 100 14.04 -28.67 -0.50
CA ARG D 100 15.27 -28.54 -1.29
C ARG D 100 14.99 -28.80 -2.76
N LYS D 101 14.12 -29.76 -3.07
CA LYS D 101 13.81 -30.05 -4.47
C LYS D 101 12.92 -28.97 -5.08
N ASN D 102 12.06 -28.34 -4.28
CA ASN D 102 11.21 -27.27 -4.80
C ASN D 102 12.00 -26.02 -5.08
N LEU D 103 12.99 -25.71 -4.23
CA LEU D 103 13.81 -24.52 -4.43
C LEU D 103 14.90 -24.76 -5.46
N ASP D 104 15.57 -25.92 -5.40
CA ASP D 104 16.65 -26.27 -6.31
C ASP D 104 16.30 -27.59 -6.99
N PRO D 105 15.44 -27.55 -8.02
CA PRO D 105 15.09 -28.80 -8.72
C PRO D 105 16.26 -29.44 -9.42
N ASN D 106 17.22 -28.66 -9.92
CA ASN D 106 18.35 -29.18 -10.66
C ASN D 106 19.53 -29.55 -9.78
N GLU D 107 19.41 -29.38 -8.46
CA GLU D 107 20.41 -29.82 -7.49
C GLU D 107 21.78 -29.22 -7.80
N GLN D 108 21.80 -27.95 -8.20
CA GLN D 108 23.03 -27.26 -8.53
C GLN D 108 23.57 -26.42 -7.38
N TRP D 109 22.96 -26.48 -6.21
CA TRP D 109 23.34 -25.64 -5.08
C TRP D 109 23.41 -26.48 -3.80
N SER D 110 24.23 -26.01 -2.87
CA SER D 110 24.32 -26.62 -1.55
C SER D 110 23.26 -26.04 -0.63
N ASP D 111 23.07 -26.70 0.51
CA ASP D 111 22.09 -26.23 1.48
C ASP D 111 22.48 -24.87 2.07
N GLN D 112 23.78 -24.58 2.14
CA GLN D 112 24.22 -23.27 2.62
C GLN D 112 23.82 -22.18 1.64
N GLU D 113 24.04 -22.40 0.35
CA GLU D 113 23.66 -21.41 -0.65
C GLU D 113 22.14 -21.30 -0.79
N ILE D 114 21.41 -22.39 -0.55
CA ILE D 114 19.96 -22.35 -0.64
C ILE D 114 19.37 -21.60 0.55
N TRP D 115 19.94 -21.78 1.73
CA TRP D 115 19.38 -21.15 2.94
C TRP D 115 19.51 -19.63 2.89
N LYS D 116 20.62 -19.13 2.35
CA LYS D 116 20.80 -17.68 2.28
C LYS D 116 19.83 -17.05 1.28
N VAL D 117 19.58 -17.73 0.16
CA VAL D 117 18.54 -17.27 -0.76
C VAL D 117 17.17 -17.39 -0.13
N ALA D 118 16.95 -18.44 0.67
CA ALA D 118 15.69 -18.58 1.39
C ALA D 118 15.55 -17.53 2.48
N ASP D 119 16.67 -17.06 3.03
CA ASP D 119 16.60 -16.02 4.06
C ASP D 119 16.38 -14.65 3.45
N GLU D 120 16.94 -14.39 2.26
CA GLU D 120 16.74 -13.11 1.60
C GLU D 120 15.28 -12.92 1.19
N VAL D 121 14.57 -14.00 0.88
CA VAL D 121 13.18 -13.92 0.46
C VAL D 121 12.27 -14.06 1.68
N GLY D 122 12.86 -14.11 2.87
CA GLY D 122 12.09 -14.18 4.08
C GLY D 122 11.39 -15.49 4.34
N LEU D 123 11.94 -16.60 3.83
CA LEU D 123 11.34 -17.91 4.03
C LEU D 123 11.98 -18.71 5.15
N ARG D 124 13.08 -18.23 5.73
CA ARG D 124 13.74 -18.97 6.81
C ARG D 124 12.81 -19.18 7.99
N SER D 125 11.96 -18.19 8.29
CA SER D 125 11.02 -18.33 9.40
C SER D 125 9.96 -19.38 9.09
N VAL D 126 9.68 -19.63 7.82
CA VAL D 126 8.64 -20.59 7.44
C VAL D 126 9.19 -22.01 7.36
N ILE D 127 10.40 -22.17 6.81
CA ILE D 127 10.96 -23.51 6.64
C ILE D 127 11.26 -24.13 8.01
N GLU D 128 11.70 -23.33 8.97
CA GLU D 128 12.07 -23.86 10.27
C GLU D 128 10.86 -24.31 11.09
N GLN D 129 9.65 -23.89 10.72
CA GLN D 129 8.45 -24.34 11.41
C GLN D 129 8.09 -25.78 11.10
N PHE D 130 8.74 -26.39 10.10
CA PHE D 130 8.48 -27.77 9.72
C PHE D 130 9.64 -28.66 10.14
N PRO D 131 9.35 -29.86 10.65
CA PRO D 131 10.42 -30.76 11.09
C PRO D 131 11.29 -31.21 9.93
N GLY D 132 12.60 -31.03 10.07
CA GLY D 132 13.55 -31.39 9.05
C GLY D 132 14.01 -30.23 8.18
N GLY D 133 13.32 -29.10 8.22
CA GLY D 133 13.70 -27.95 7.43
C GLY D 133 13.60 -28.20 5.93
N LEU D 134 14.75 -28.21 5.25
CA LEU D 134 14.77 -28.50 3.82
C LEU D 134 14.37 -29.94 3.51
N ASP D 135 14.34 -30.82 4.51
CA ASP D 135 13.99 -32.22 4.31
C ASP D 135 12.52 -32.51 4.53
N PHE D 136 11.70 -31.49 4.77
CA PHE D 136 10.26 -31.68 4.89
C PHE D 136 9.65 -31.77 3.50
N VAL D 137 8.86 -32.82 3.27
CA VAL D 137 8.32 -33.11 1.96
C VAL D 137 7.01 -32.35 1.77
N LEU D 138 6.85 -31.72 0.60
CA LEU D 138 5.65 -30.97 0.26
C LEU D 138 4.80 -31.84 -0.67
N VAL D 139 3.72 -32.40 -0.12
CA VAL D 139 2.78 -33.17 -0.91
C VAL D 139 1.45 -32.43 -0.95
N ASP D 140 0.49 -32.99 -1.69
CA ASP D 140 -0.84 -32.38 -1.83
C ASP D 140 -0.75 -30.95 -2.37
N GLY D 141 0.13 -30.75 -3.35
CA GLY D 141 0.29 -29.44 -3.94
C GLY D 141 0.86 -28.39 -3.01
N GLY D 142 1.58 -28.80 -1.98
CA GLY D 142 2.12 -27.87 -1.01
C GLY D 142 1.06 -27.14 -0.21
N CYS D 143 -0.01 -27.84 0.17
CA CYS D 143 -1.12 -27.20 0.87
C CYS D 143 -0.74 -26.66 2.24
N VAL D 144 0.36 -27.14 2.82
CA VAL D 144 0.79 -26.64 4.12
C VAL D 144 1.38 -25.24 4.05
N LEU D 145 1.62 -24.72 2.84
CA LEU D 145 2.14 -23.37 2.67
C LEU D 145 1.03 -22.44 2.22
N SER D 146 1.03 -21.21 2.75
CA SER D 146 0.05 -20.23 2.35
C SER D 146 0.35 -19.72 0.93
N HIS D 147 -0.58 -18.96 0.39
CA HIS D 147 -0.44 -18.46 -0.97
C HIS D 147 0.74 -17.51 -1.09
N GLY D 148 0.92 -16.62 -0.11
CA GLY D 148 2.04 -15.69 -0.16
C GLY D 148 3.38 -16.38 -0.06
N HIS D 149 3.48 -17.41 0.78
CA HIS D 149 4.73 -18.15 0.91
C HIS D 149 5.07 -18.90 -0.37
N LYS D 150 4.06 -19.41 -1.09
CA LYS D 150 4.32 -20.05 -2.37
C LYS D 150 4.88 -19.06 -3.38
N GLN D 151 4.44 -17.80 -3.32
CA GLN D 151 5.02 -16.77 -4.16
C GLN D 151 6.50 -16.59 -3.86
N LEU D 152 6.86 -16.56 -2.57
CA LEU D 152 8.26 -16.46 -2.18
C LEU D 152 9.02 -17.72 -2.58
N MET D 153 8.38 -18.88 -2.47
CA MET D 153 8.99 -20.12 -2.97
C MET D 153 9.29 -20.01 -4.46
N CYS D 154 8.35 -19.45 -5.23
CA CYS D 154 8.59 -19.24 -6.65
C CYS D 154 9.66 -18.18 -6.89
N LEU D 155 9.73 -17.17 -6.03
CA LEU D 155 10.77 -16.16 -6.15
C LEU D 155 12.15 -16.77 -5.88
N ALA D 156 12.29 -17.51 -4.78
CA ALA D 156 13.55 -18.16 -4.48
C ALA D 156 13.94 -19.18 -5.55
N ARG D 157 12.95 -19.85 -6.14
CA ARG D 157 13.23 -20.81 -7.20
C ARG D 157 13.81 -20.11 -8.44
N ALA D 158 13.29 -18.93 -8.77
CA ALA D 158 13.78 -18.23 -9.94
C ALA D 158 15.20 -17.71 -9.73
N VAL D 159 15.52 -17.25 -8.53
CA VAL D 159 16.87 -16.79 -8.22
C VAL D 159 17.87 -17.93 -8.35
N LEU D 160 17.51 -19.11 -7.81
CA LEU D 160 18.40 -20.28 -7.89
C LEU D 160 18.56 -20.79 -9.32
N SER D 161 17.71 -20.37 -10.25
CA SER D 161 17.87 -20.69 -11.66
C SER D 161 18.59 -19.54 -12.36
N LYS D 162 18.90 -19.76 -13.64
CA LYS D 162 19.59 -18.75 -14.45
C LYS D 162 18.62 -17.78 -15.11
N ALA D 163 17.48 -17.51 -14.49
CA ALA D 163 16.48 -16.63 -15.08
C ALA D 163 17.00 -15.20 -15.16
N LYS D 164 16.87 -14.59 -16.34
CA LYS D 164 17.34 -13.23 -16.56
C LYS D 164 16.23 -12.28 -16.99
N ILE D 165 14.99 -12.74 -17.08
CA ILE D 165 13.85 -11.91 -17.43
C ILE D 165 12.74 -12.19 -16.44
N LEU D 166 12.41 -11.22 -15.60
CA LEU D 166 11.37 -11.36 -14.58
C LEU D 166 10.12 -10.67 -15.06
N LEU D 167 9.02 -11.40 -15.14
CA LEU D 167 7.73 -10.89 -15.58
C LEU D 167 6.83 -10.67 -14.36
N LEU D 168 6.32 -9.44 -14.23
CA LEU D 168 5.46 -9.07 -13.11
C LEU D 168 4.13 -8.57 -13.65
N ASP D 169 3.04 -9.24 -13.29
CA ASP D 169 1.71 -8.90 -13.75
C ASP D 169 0.97 -8.20 -12.62
N GLU D 170 0.97 -6.87 -12.65
CA GLU D 170 0.30 -6.04 -11.66
C GLU D 170 0.62 -6.44 -10.22
N PRO D 171 1.90 -6.39 -9.82
CA PRO D 171 2.23 -6.74 -8.43
C PRO D 171 1.76 -5.70 -7.42
N SER D 172 1.47 -4.48 -7.84
CA SER D 172 0.97 -3.48 -6.91
C SER D 172 -0.45 -3.79 -6.44
N ALA D 173 -1.22 -4.54 -7.22
CA ALA D 173 -2.60 -4.86 -6.88
C ALA D 173 -2.85 -6.33 -6.62
N HIS D 174 -2.15 -7.23 -7.31
CA HIS D 174 -2.41 -8.66 -7.25
C HIS D 174 -1.41 -9.41 -6.39
N LEU D 175 -0.71 -8.72 -5.48
CA LEU D 175 0.18 -9.35 -4.53
C LEU D 175 0.00 -8.71 -3.17
N ASP D 176 0.35 -9.44 -2.13
CA ASP D 176 0.43 -8.86 -0.81
C ASP D 176 1.53 -7.79 -0.81
N PRO D 177 1.29 -6.63 -0.19
CA PRO D 177 2.33 -5.59 -0.16
C PRO D 177 3.66 -6.07 0.42
N VAL D 178 3.61 -6.96 1.41
CA VAL D 178 4.85 -7.49 2.00
C VAL D 178 5.61 -8.31 0.96
N THR D 179 4.89 -9.10 0.16
CA THR D 179 5.55 -9.90 -0.87
C THR D 179 6.21 -9.01 -1.91
N TYR D 180 5.51 -7.95 -2.35
CA TYR D 180 6.06 -7.06 -3.36
C TYR D 180 7.33 -6.37 -2.86
N GLN D 181 7.36 -6.01 -1.58
CA GLN D 181 8.57 -5.40 -1.01
C GLN D 181 9.75 -6.35 -1.13
N ILE D 182 9.53 -7.65 -0.90
CA ILE D 182 10.62 -8.61 -1.02
C ILE D 182 11.06 -8.74 -2.48
N ILE D 183 10.12 -8.71 -3.42
CA ILE D 183 10.47 -8.76 -4.84
C ILE D 183 11.35 -7.58 -5.19
N ARG D 184 10.91 -6.37 -4.82
CA ARG D 184 11.66 -5.16 -5.16
C ARG D 184 13.01 -5.14 -4.46
N ARG D 185 13.12 -5.78 -3.29
CA ARG D 185 14.42 -5.94 -2.65
C ARG D 185 15.32 -6.87 -3.47
N THR D 186 14.77 -8.01 -3.89
CA THR D 186 15.53 -8.95 -4.71
C THR D 186 15.96 -8.30 -6.02
N LEU D 187 15.16 -7.39 -6.56
CA LEU D 187 15.53 -6.66 -7.77
C LEU D 187 16.73 -5.76 -7.57
N LYS D 188 17.18 -5.56 -6.33
CA LYS D 188 18.39 -4.80 -6.06
C LYS D 188 19.56 -5.67 -5.64
N GLN D 189 19.34 -6.98 -5.43
CA GLN D 189 20.41 -7.87 -5.01
C GLN D 189 20.59 -8.93 -6.09
N ALA D 190 19.99 -10.11 -5.94
CA ALA D 190 20.23 -11.20 -6.89
C ALA D 190 19.71 -10.89 -8.28
N PHE D 191 18.63 -10.10 -8.38
CA PHE D 191 18.06 -9.72 -9.66
C PHE D 191 18.48 -8.31 -10.09
N ALA D 192 19.61 -7.81 -9.56
CA ALA D 192 20.05 -6.47 -9.90
C ALA D 192 20.39 -6.34 -11.38
N ASP D 193 21.02 -7.35 -11.95
CA ASP D 193 21.37 -7.37 -13.37
C ASP D 193 20.31 -8.01 -14.23
N CYS D 194 19.15 -8.35 -13.67
CA CYS D 194 18.12 -9.09 -14.37
C CYS D 194 17.10 -8.13 -15.00
N THR D 195 16.63 -8.48 -16.20
CA THR D 195 15.65 -7.68 -16.89
C THR D 195 14.26 -7.90 -16.28
N VAL D 196 13.52 -6.80 -16.11
CA VAL D 196 12.19 -6.84 -15.51
C VAL D 196 11.20 -6.21 -16.48
N ILE D 197 10.09 -6.91 -16.70
CA ILE D 197 8.95 -6.36 -17.43
C ILE D 197 7.84 -6.17 -16.41
N LEU D 198 7.54 -4.91 -16.10
CA LEU D 198 6.56 -4.56 -15.07
C LEU D 198 5.26 -4.13 -15.73
N CYS D 199 4.21 -4.92 -15.51
CA CYS D 199 2.90 -4.66 -16.12
C CYS D 199 1.99 -4.05 -15.07
N GLU D 200 1.45 -2.86 -15.37
CA GLU D 200 0.53 -2.17 -14.48
C GLU D 200 -0.49 -1.41 -15.32
N ALA D 201 -1.61 -1.08 -14.69
CA ALA D 201 -2.68 -0.33 -15.34
C ALA D 201 -2.51 1.18 -15.20
N ARG D 202 -1.65 1.64 -14.30
CA ARG D 202 -1.41 3.06 -14.11
C ARG D 202 0.09 3.35 -14.17
N ILE D 203 0.41 4.56 -14.61
CA ILE D 203 1.82 4.95 -14.73
C ILE D 203 2.45 5.14 -13.35
N GLU D 204 1.64 5.52 -12.34
CA GLU D 204 2.18 5.78 -11.01
C GLU D 204 2.83 4.55 -10.38
N ALA D 205 2.57 3.35 -10.92
CA ALA D 205 3.15 2.13 -10.40
C ALA D 205 4.35 1.66 -11.21
N MET D 206 4.83 2.47 -12.17
CA MET D 206 5.97 2.11 -13.00
C MET D 206 6.98 3.25 -13.10
N LEU D 207 7.01 4.15 -12.11
CA LEU D 207 7.74 5.40 -12.26
C LEU D 207 9.24 5.22 -12.42
N GLU D 208 9.80 4.09 -11.98
CA GLU D 208 11.24 3.89 -11.99
C GLU D 208 11.74 3.08 -13.18
N CYS D 209 10.87 2.77 -14.14
CA CYS D 209 11.28 1.93 -15.27
C CYS D 209 12.11 2.73 -16.25
N ASP D 210 13.09 2.05 -16.87
CA ASP D 210 13.99 2.71 -17.81
C ASP D 210 13.26 3.08 -19.10
N GLN D 211 12.50 2.13 -19.66
CA GLN D 211 11.70 2.38 -20.85
C GLN D 211 10.29 1.85 -20.62
N PHE D 212 9.38 2.24 -21.50
CA PHE D 212 7.96 1.93 -21.35
C PHE D 212 7.39 1.46 -22.68
N LEU D 213 6.40 0.58 -22.60
CA LEU D 213 5.65 0.09 -23.75
C LEU D 213 4.16 0.26 -23.46
N VAL D 214 3.53 1.21 -24.13
CA VAL D 214 2.13 1.56 -23.88
C VAL D 214 1.25 0.83 -24.87
N ILE D 215 0.23 0.13 -24.37
CA ILE D 215 -0.69 -0.64 -25.19
C ILE D 215 -1.98 0.15 -25.33
N GLU D 216 -2.21 0.71 -26.51
CA GLU D 216 -3.49 1.32 -26.86
C GLU D 216 -3.96 0.69 -28.16
N GLU D 217 -5.19 0.17 -28.14
CA GLU D 217 -5.77 -0.59 -29.26
C GLU D 217 -4.86 -1.80 -29.48
N ASN D 218 -4.58 -2.18 -30.72
CA ASN D 218 -3.75 -3.34 -31.01
C ASN D 218 -2.31 -2.96 -31.34
N LYS D 219 -1.88 -1.77 -30.96
CA LYS D 219 -0.52 -1.29 -31.20
C LYS D 219 0.20 -1.11 -29.86
N VAL D 220 1.52 -0.91 -29.95
CA VAL D 220 2.36 -0.72 -28.77
C VAL D 220 3.30 0.45 -29.05
N ARG D 221 3.14 1.54 -28.31
CA ARG D 221 4.03 2.68 -28.39
C ARG D 221 5.13 2.56 -27.34
N GLN D 222 6.32 3.02 -27.70
CA GLN D 222 7.50 2.90 -26.85
C GLN D 222 7.98 4.27 -26.40
N TYR D 223 8.41 4.35 -25.14
CA TYR D 223 8.98 5.58 -24.58
C TYR D 223 10.20 5.18 -23.76
N ASP D 224 11.29 5.94 -23.92
CA ASP D 224 12.52 5.68 -23.18
C ASP D 224 12.78 6.74 -22.12
N SER D 225 11.75 7.46 -21.70
CA SER D 225 11.85 8.40 -20.59
C SER D 225 10.44 8.68 -20.10
N ILE D 226 10.28 8.71 -18.77
CA ILE D 226 8.97 8.89 -18.18
C ILE D 226 8.45 10.31 -18.38
N GLN D 227 9.33 11.29 -18.56
CA GLN D 227 8.89 12.66 -18.71
C GLN D 227 8.21 12.91 -20.06
N LYS D 228 8.51 12.08 -21.07
CA LYS D 228 7.87 12.19 -22.37
C LYS D 228 6.36 12.01 -22.27
#